data_6YJU
#
_entry.id   6YJU
#
_cell.length_a   46.600
_cell.length_b   69.550
_cell.length_c   90.940
_cell.angle_alpha   107.480
_cell.angle_beta   92.260
_cell.angle_gamma   106.220
#
_symmetry.space_group_name_H-M   'P 1'
#
loop_
_entity.id
_entity.type
_entity.pdbx_description
1 polymer 'Alpha-1,6-mannosylglycoprotein 6-beta-N-acetylglucosaminyltransferase A'
2 branched 2-acetamido-2-deoxy-beta-D-glucopyranose-(1-2)-alpha-D-mannopyranose-(1-6)-[alpha-D-mannopyranose-(1-3)]alpha-D-mannopyranose
3 branched 2-acetamido-2-deoxy-beta-D-glucopyranose-(1-2)-alpha-D-mannopyranose
4 non-polymer "URIDINE-5'-DIPHOSPHATE"
5 non-polymer 1,2-ETHANEDIOL
6 non-polymer 'SULFATE ION'
7 water water
#
_entity_poly.entity_id   1
_entity_poly.type   'polypeptide(L)'
_entity_poly.pdbx_seq_one_letter_code
;SLAEIRTDFNILYSMMKKHEEFRWMRLRIRRMADAWIQAIKSLAEKQNLEKRKRKKVLVHLGLLTKESGFKIAETAFSGG
PLGELVQWSDLITSLYLLGHDIRISASLAELKEIMGGGGVELIYIDIVGLAQFKKTLGPSWVHYQCMLRVLDSFGTEPEF
NHANYAQSKGHKTPWGKWNLNPQQFYTMFPHTPDNSFLGFVVEQHLNSSDIHHINEIKRQNQSLVYGKVDSFWKNKKIYL
DIIHTYMEVHATVYGSSTKNIPSYVKNHGILSGRDLQFLLRETKLFVGLGFPYEGPAPLEAIANGCAFLNPKFNPPKSSK
NTDFFIGKPTLRELTSQHPYAEVFIGRPHVWTVDLNNQEEVEDAVKAILNQKIEPYMPYEFTCEGMLQRINAFIEKQDFC
HGQVMWPPLSALQVKLAEPGQSCKQVCQESQLICEPSFFQHLNKDKDMLKYKVTCQSSELAKDILVPSFDPKNKHCVFQG
DLLLFSCAGAHPRHQRVCPCRDFIKGQVALCKDCL
;
_entity_poly.pdbx_strand_id   AAA,BBB
#
# COMPACT_ATOMS: atom_id res chain seq x y z
N SER A 1 -29.12 31.60 -0.85
CA SER A 1 -28.30 31.65 0.39
C SER A 1 -28.63 30.47 1.34
N LEU A 2 -29.51 29.53 0.98
CA LEU A 2 -29.85 28.40 1.90
C LEU A 2 -29.05 27.15 1.52
N ALA A 3 -28.59 26.40 2.51
CA ALA A 3 -27.73 25.21 2.29
C ALA A 3 -28.59 24.08 1.71
N GLU A 4 -28.13 23.42 0.66
CA GLU A 4 -28.76 22.20 0.06
C GLU A 4 -27.81 21.02 0.25
N ILE A 5 -28.29 19.91 0.81
CA ILE A 5 -27.46 18.69 1.02
C ILE A 5 -26.94 18.25 -0.36
N ARG A 6 -25.67 17.85 -0.42
CA ARG A 6 -25.00 17.33 -1.64
C ARG A 6 -24.97 15.81 -1.53
N THR A 7 -25.24 15.10 -2.62
CA THR A 7 -25.22 13.61 -2.68
C THR A 7 -24.33 13.15 -3.82
N ASP A 8 -23.52 14.05 -4.35
CA ASP A 8 -22.63 13.81 -5.50
C ASP A 8 -21.26 14.35 -5.08
N PHE A 9 -20.18 13.58 -5.24
CA PHE A 9 -18.83 13.93 -4.74
C PHE A 9 -17.99 14.59 -5.85
N ASN A 10 -18.53 14.78 -7.05
CA ASN A 10 -17.75 15.23 -8.23
C ASN A 10 -17.04 16.55 -7.90
N ILE A 11 -17.76 17.52 -7.35
CA ILE A 11 -17.15 18.85 -7.02
C ILE A 11 -16.12 18.64 -5.89
N LEU A 12 -16.44 17.85 -4.87
CA LEU A 12 -15.44 17.58 -3.79
C LEU A 12 -14.17 16.99 -4.44
N TYR A 13 -14.31 16.03 -5.36
CA TYR A 13 -13.15 15.35 -5.99
C TYR A 13 -12.27 16.36 -6.73
N SER A 14 -12.87 17.30 -7.48
CA SER A 14 -12.10 18.37 -8.20
C SER A 14 -11.33 19.22 -7.20
N MET A 15 -12.01 19.65 -6.14
CA MET A 15 -11.41 20.44 -5.03
C MET A 15 -10.18 19.70 -4.46
N MET A 16 -10.31 18.40 -4.16
CA MET A 16 -9.23 17.61 -3.53
C MET A 16 -8.10 17.31 -4.53
N LYS A 17 -8.29 17.50 -5.85
CA LYS A 17 -7.23 17.18 -6.86
C LYS A 17 -6.25 18.34 -7.02
N LYS A 18 -6.58 19.54 -6.51
CA LYS A 18 -5.80 20.79 -6.74
C LYS A 18 -4.42 20.68 -6.08
N HIS A 19 -4.31 19.90 -5.01
CA HIS A 19 -3.05 19.71 -4.25
C HIS A 19 -2.76 18.21 -4.13
N GLU A 20 -1.53 17.81 -4.49
CA GLU A 20 -0.98 16.46 -4.28
C GLU A 20 -1.14 16.07 -2.81
N GLU A 21 -1.04 17.07 -1.92
CA GLU A 21 -0.99 16.86 -0.46
C GLU A 21 -2.32 16.26 0.03
N PHE A 22 -3.39 16.31 -0.77
CA PHE A 22 -4.75 15.78 -0.43
C PHE A 22 -4.95 14.35 -0.93
N ARG A 23 -3.93 13.67 -1.45
CA ARG A 23 -4.07 12.37 -2.18
C ARG A 23 -4.62 11.31 -1.24
N TRP A 24 -3.98 11.16 -0.08
CA TRP A 24 -4.38 10.08 0.85
C TRP A 24 -5.84 10.30 1.24
N MET A 25 -6.18 11.56 1.51
CA MET A 25 -7.51 12.00 2.00
C MET A 25 -8.53 11.70 0.90
N ARG A 26 -8.19 11.95 -0.37
CA ARG A 26 -9.06 11.68 -1.56
C ARG A 26 -9.41 10.19 -1.65
N LEU A 27 -8.44 9.28 -1.46
CA LEU A 27 -8.68 7.81 -1.51
C LEU A 27 -9.65 7.41 -0.39
N ARG A 28 -9.45 7.93 0.81
CA ARG A 28 -10.32 7.58 1.96
C ARG A 28 -11.76 7.98 1.59
N ILE A 29 -11.96 9.21 1.12
CA ILE A 29 -13.31 9.76 0.84
C ILE A 29 -13.97 8.85 -0.22
N ARG A 30 -13.27 8.53 -1.31
CA ARG A 30 -13.76 7.62 -2.38
C ARG A 30 -14.14 6.24 -1.81
N ARG A 31 -13.35 5.64 -0.92
CA ARG A 31 -13.72 4.33 -0.33
C ARG A 31 -15.01 4.45 0.50
N MET A 32 -15.25 5.59 1.16
CA MET A 32 -16.41 5.73 2.11
C MET A 32 -17.57 6.51 1.48
N ALA A 33 -17.46 6.94 0.22
CA ALA A 33 -18.45 7.75 -0.53
C ALA A 33 -19.89 7.22 -0.39
N ASP A 34 -20.10 5.92 -0.55
CA ASP A 34 -21.46 5.33 -0.59
C ASP A 34 -22.09 5.46 0.80
N ALA A 35 -21.32 5.18 1.85
CA ALA A 35 -21.76 5.24 3.26
C ALA A 35 -22.06 6.71 3.63
N TRP A 36 -21.24 7.64 3.17
CA TRP A 36 -21.44 9.10 3.37
C TRP A 36 -22.79 9.53 2.78
N ILE A 37 -23.05 9.16 1.53
CA ILE A 37 -24.27 9.59 0.79
C ILE A 37 -25.48 8.92 1.47
N GLN A 38 -25.36 7.65 1.85
CA GLN A 38 -26.44 6.93 2.57
C GLN A 38 -26.76 7.69 3.87
N ALA A 39 -25.75 8.20 4.58
CA ALA A 39 -25.93 8.86 5.90
C ALA A 39 -26.48 10.27 5.74
N ILE A 40 -26.09 11.06 4.74
CA ILE A 40 -26.69 12.44 4.65
C ILE A 40 -28.19 12.33 4.32
N LYS A 41 -28.58 11.41 3.43
CA LYS A 41 -30.02 11.21 3.05
C LYS A 41 -30.80 10.74 4.28
N SER A 42 -30.27 9.73 4.97
CA SER A 42 -30.86 9.15 6.20
C SER A 42 -31.06 10.23 7.28
N LEU A 43 -30.05 11.08 7.55
CA LEU A 43 -30.16 12.21 8.51
C LEU A 43 -31.27 13.18 8.07
N ALA A 44 -31.34 13.52 6.78
CA ALA A 44 -32.34 14.45 6.19
C ALA A 44 -33.76 13.90 6.35
N GLU A 45 -33.95 12.57 6.40
CA GLU A 45 -35.28 11.92 6.65
C GLU A 45 -35.64 12.05 8.14
N LYS A 46 -34.67 12.07 9.06
CA LYS A 46 -34.94 12.09 10.52
C LYS A 46 -35.05 13.51 11.08
N GLN A 47 -34.47 14.48 10.39
CA GLN A 47 -34.29 15.86 10.93
C GLN A 47 -34.51 16.86 9.81
N ASN A 48 -35.36 17.86 10.03
CA ASN A 48 -35.43 19.05 9.16
C ASN A 48 -34.03 19.66 9.07
N LEU A 49 -33.41 19.54 7.89
CA LEU A 49 -32.11 20.13 7.47
C LEU A 49 -32.37 21.29 6.51
N GLU A 50 -33.62 21.77 6.43
CA GLU A 50 -34.01 22.92 5.56
C GLU A 50 -33.81 24.16 6.41
N LYS A 51 -33.80 25.35 5.82
CA LYS A 51 -33.81 26.62 6.61
C LYS A 51 -32.40 26.92 7.16
N ARG A 52 -31.39 26.11 6.85
CA ARG A 52 -29.98 26.41 7.25
C ARG A 52 -29.42 27.40 6.24
N LYS A 53 -28.77 28.46 6.72
CA LYS A 53 -28.01 29.41 5.86
C LYS A 53 -26.76 28.68 5.34
N ARG A 54 -26.49 28.80 4.06
CA ARG A 54 -25.21 28.35 3.48
C ARG A 54 -24.11 29.21 4.10
N LYS A 55 -23.06 28.59 4.63
CA LYS A 55 -21.92 29.33 5.21
C LYS A 55 -20.72 29.27 4.27
N LYS A 56 -19.98 30.37 4.15
CA LYS A 56 -18.63 30.39 3.55
C LYS A 56 -17.64 29.97 4.63
N VAL A 57 -16.93 28.87 4.39
CA VAL A 57 -16.09 28.21 5.42
C VAL A 57 -14.65 28.19 4.93
N LEU A 58 -13.74 28.80 5.70
CA LEU A 58 -12.29 28.52 5.56
C LEU A 58 -11.98 27.18 6.22
N VAL A 59 -11.31 26.30 5.48
CA VAL A 59 -10.67 25.06 6.02
C VAL A 59 -9.18 25.16 5.73
N HIS A 60 -8.40 25.59 6.72
CA HIS A 60 -6.93 25.76 6.60
C HIS A 60 -6.18 24.62 7.30
N LEU A 61 -5.49 23.76 6.52
CA LEU A 61 -4.75 22.59 7.05
C LEU A 61 -3.28 22.98 7.25
N GLY A 62 -2.99 23.53 8.42
CA GLY A 62 -1.62 23.94 8.78
C GLY A 62 -0.67 22.78 8.62
N LEU A 63 -1.08 21.58 9.03
CA LEU A 63 -0.20 20.38 9.03
C LEU A 63 0.28 20.07 7.61
N LEU A 64 -0.46 20.43 6.54
CA LEU A 64 -0.08 20.14 5.12
C LEU A 64 0.66 21.32 4.47
N THR A 65 0.93 22.42 5.18
CA THR A 65 1.76 23.56 4.66
C THR A 65 3.24 23.13 4.72
N LYS A 66 4.05 23.50 3.71
CA LYS A 66 5.54 23.39 3.74
C LYS A 66 6.06 24.03 5.03
N GLU A 67 5.63 25.28 5.25
CA GLU A 67 6.10 26.24 6.28
C GLU A 67 6.01 25.55 7.66
N SER A 68 5.07 24.63 7.86
CA SER A 68 4.90 23.78 9.08
C SER A 68 6.08 22.82 9.30
N GLY A 69 6.67 22.32 8.21
CA GLY A 69 7.75 21.31 8.24
C GLY A 69 7.29 20.03 8.90
N PHE A 70 6.00 19.70 8.79
CA PHE A 70 5.41 18.50 9.41
C PHE A 70 5.61 17.30 8.48
N LYS A 71 5.55 17.52 7.17
CA LYS A 71 5.79 16.48 6.13
C LYS A 71 4.92 15.24 6.45
N ILE A 72 3.62 15.47 6.67
CA ILE A 72 2.65 14.41 7.04
C ILE A 72 2.10 13.78 5.76
N ALA A 73 1.88 14.55 4.68
CA ALA A 73 1.46 14.02 3.37
C ALA A 73 2.53 13.07 2.81
N GLU A 74 3.81 13.36 3.05
CA GLU A 74 5.02 12.64 2.54
C GLU A 74 5.22 11.31 3.27
N THR A 75 4.54 11.03 4.38
CA THR A 75 4.66 9.73 5.11
C THR A 75 3.33 8.97 5.09
N ALA A 76 2.30 9.49 4.40
CA ALA A 76 0.89 9.00 4.48
C ALA A 76 0.84 7.51 4.10
N PHE A 77 1.60 7.14 3.07
CA PHE A 77 1.57 5.80 2.46
C PHE A 77 2.67 4.89 3.03
N SER A 78 3.55 5.38 3.91
CA SER A 78 4.74 4.62 4.40
C SER A 78 4.78 4.47 5.93
N GLY A 79 3.62 4.39 6.59
CA GLY A 79 3.52 4.16 8.05
C GLY A 79 3.55 5.45 8.86
N GLY A 80 3.46 6.62 8.21
CA GLY A 80 3.36 7.93 8.89
C GLY A 80 2.02 8.13 9.62
N PRO A 81 1.89 9.16 10.48
CA PRO A 81 0.63 9.40 11.20
C PRO A 81 -0.52 9.76 10.24
N LEU A 82 -1.71 9.17 10.45
CA LEU A 82 -2.89 9.40 9.58
C LEU A 82 -4.11 9.89 10.37
N GLY A 83 -4.17 9.77 11.70
CA GLY A 83 -5.36 10.22 12.46
C GLY A 83 -5.78 11.65 12.12
N GLU A 84 -4.86 12.59 12.02
CA GLU A 84 -5.20 14.01 11.69
C GLU A 84 -5.85 14.02 10.29
N LEU A 85 -5.26 13.29 9.34
CA LEU A 85 -5.76 13.25 7.93
C LEU A 85 -7.14 12.57 7.90
N VAL A 86 -7.34 11.55 8.73
CA VAL A 86 -8.66 10.89 8.91
C VAL A 86 -9.67 11.96 9.30
N GLN A 87 -9.37 12.69 10.38
CA GLN A 87 -10.31 13.71 10.92
C GLN A 87 -10.55 14.81 9.87
N TRP A 88 -9.50 15.38 9.27
CA TRP A 88 -9.64 16.46 8.24
C TRP A 88 -10.52 15.96 7.08
N SER A 89 -10.31 14.72 6.60
CA SER A 89 -11.10 14.11 5.50
C SER A 89 -12.58 14.09 5.88
N ASP A 90 -12.87 13.64 7.09
CA ASP A 90 -14.27 13.48 7.51
C ASP A 90 -14.90 14.86 7.77
N LEU A 91 -14.12 15.82 8.27
CA LEU A 91 -14.64 17.20 8.49
C LEU A 91 -15.00 17.82 7.14
N ILE A 92 -14.05 17.83 6.21
CA ILE A 92 -14.30 18.39 4.86
C ILE A 92 -15.54 17.70 4.25
N THR A 93 -15.61 16.37 4.29
CA THR A 93 -16.71 15.59 3.66
C THR A 93 -18.03 16.05 4.28
N SER A 94 -18.10 16.13 5.61
CA SER A 94 -19.31 16.54 6.35
C SER A 94 -19.74 17.96 5.90
N LEU A 95 -18.83 18.92 5.88
CA LEU A 95 -19.13 20.30 5.45
C LEU A 95 -19.73 20.28 4.03
N TYR A 96 -19.13 19.50 3.15
CA TYR A 96 -19.52 19.34 1.73
C TYR A 96 -20.95 18.79 1.64
N LEU A 97 -21.21 17.65 2.28
CA LEU A 97 -22.53 16.98 2.26
C LEU A 97 -23.62 17.92 2.79
N LEU A 98 -23.33 18.70 3.85
CA LEU A 98 -24.32 19.60 4.49
C LEU A 98 -24.55 20.87 3.64
N GLY A 99 -23.81 21.06 2.55
CA GLY A 99 -24.15 22.05 1.51
C GLY A 99 -23.45 23.38 1.70
N HIS A 100 -22.40 23.45 2.52
CA HIS A 100 -21.67 24.72 2.78
C HIS A 100 -20.70 25.01 1.64
N ASP A 101 -20.35 26.28 1.52
CA ASP A 101 -19.36 26.79 0.54
C ASP A 101 -17.97 26.70 1.13
N ILE A 102 -17.31 25.55 0.97
CA ILE A 102 -15.96 25.26 1.55
C ILE A 102 -14.88 25.88 0.66
N ARG A 103 -13.88 26.52 1.28
CA ARG A 103 -12.66 26.99 0.60
C ARG A 103 -11.48 26.32 1.30
N ILE A 104 -10.81 25.40 0.62
CA ILE A 104 -9.74 24.60 1.27
C ILE A 104 -8.43 25.31 0.97
N SER A 105 -7.52 25.28 1.93
CA SER A 105 -6.21 25.94 1.88
C SER A 105 -5.18 25.02 2.52
N ALA A 106 -4.06 24.77 1.85
CA ALA A 106 -2.85 24.14 2.43
C ALA A 106 -1.62 25.03 2.23
N SER A 107 -1.83 26.35 2.10
CA SER A 107 -0.78 27.35 1.79
C SER A 107 -1.11 28.73 2.38
N LEU A 108 -0.08 29.56 2.59
CA LEU A 108 -0.27 30.96 3.06
C LEU A 108 -1.00 31.78 2.00
N ALA A 109 -0.74 31.53 0.71
CA ALA A 109 -1.35 32.29 -0.40
C ALA A 109 -2.88 32.10 -0.37
N GLU A 110 -3.34 30.86 -0.23
CA GLU A 110 -4.81 30.58 -0.26
C GLU A 110 -5.43 31.16 1.01
N LEU A 111 -4.79 30.94 2.15
CA LEU A 111 -5.26 31.52 3.43
C LEU A 111 -5.50 33.03 3.21
N LYS A 112 -4.51 33.75 2.70
CA LYS A 112 -4.59 35.23 2.46
C LYS A 112 -5.70 35.55 1.45
N GLU A 113 -5.72 34.85 0.30
CA GLU A 113 -6.70 35.04 -0.80
C GLU A 113 -8.10 34.85 -0.23
N ILE A 114 -8.37 33.71 0.40
CA ILE A 114 -9.74 33.37 0.86
C ILE A 114 -10.21 34.43 1.85
N MET A 115 -9.37 34.79 2.83
CA MET A 115 -9.71 35.82 3.86
C MET A 115 -9.89 37.19 3.18
N GLY A 116 -9.02 37.53 2.20
CA GLY A 116 -9.11 38.75 1.39
C GLY A 116 -10.53 39.02 0.89
N GLY A 117 -11.20 37.98 0.39
CA GLY A 117 -12.52 38.04 -0.28
C GLY A 117 -13.67 38.31 0.68
N GLY A 118 -13.44 38.21 2.00
CA GLY A 118 -14.44 38.46 3.07
C GLY A 118 -15.58 37.46 3.03
N GLY A 119 -16.61 37.66 3.86
CA GLY A 119 -17.80 36.79 3.94
C GLY A 119 -17.51 35.44 4.58
N VAL A 120 -16.27 35.17 5.00
CA VAL A 120 -15.93 33.98 5.84
C VAL A 120 -16.75 34.06 7.14
N GLU A 121 -17.50 33.00 7.45
CA GLU A 121 -18.46 32.95 8.57
C GLU A 121 -17.98 31.92 9.61
N LEU A 122 -16.95 31.16 9.28
CA LEU A 122 -16.57 29.94 10.02
C LEU A 122 -15.19 29.50 9.57
N ILE A 123 -14.29 29.19 10.52
CA ILE A 123 -12.89 28.82 10.20
C ILE A 123 -12.52 27.55 10.95
N TYR A 124 -12.19 26.50 10.21
CA TYR A 124 -11.57 25.25 10.74
C TYR A 124 -10.06 25.29 10.48
N ILE A 125 -9.27 25.03 11.51
CA ILE A 125 -7.80 25.21 11.44
C ILE A 125 -7.19 24.37 12.54
N ASP A 126 -5.90 24.07 12.42
CA ASP A 126 -5.10 23.43 13.51
C ASP A 126 -4.24 24.51 14.18
N ILE A 127 -3.57 24.16 15.28
CA ILE A 127 -2.80 25.15 16.09
C ILE A 127 -1.61 25.66 15.26
N VAL A 128 -0.96 24.79 14.49
CA VAL A 128 0.16 25.26 13.62
C VAL A 128 -0.41 26.25 12.60
N GLY A 129 -1.61 26.01 12.07
CA GLY A 129 -2.24 26.94 11.10
C GLY A 129 -2.67 28.25 11.73
N LEU A 130 -3.04 28.20 13.01
CA LEU A 130 -3.51 29.35 13.81
C LEU A 130 -2.35 30.36 13.96
N ALA A 131 -1.13 29.89 14.26
CA ALA A 131 0.07 30.76 14.21
C ALA A 131 0.18 31.41 12.83
N GLN A 132 -0.06 30.66 11.76
CA GLN A 132 0.07 31.19 10.37
C GLN A 132 -1.02 32.25 10.15
N PHE A 133 -2.24 31.97 10.62
CA PHE A 133 -3.42 32.85 10.50
C PHE A 133 -3.12 34.24 11.11
N LYS A 134 -2.67 34.25 12.35
CA LYS A 134 -2.27 35.48 13.09
C LYS A 134 -1.14 36.23 12.34
N LYS A 135 -0.13 35.52 11.86
CA LYS A 135 1.00 36.15 11.13
C LYS A 135 0.52 36.71 9.77
N THR A 136 -0.23 35.95 8.97
CA THR A 136 -0.65 36.41 7.62
C THR A 136 -1.62 37.61 7.71
N LEU A 137 -2.54 37.67 8.68
CA LEU A 137 -3.62 38.72 8.69
C LEU A 137 -3.18 39.98 9.45
N GLY A 138 -2.30 39.79 10.46
CA GLY A 138 -1.80 40.82 11.37
C GLY A 138 -2.80 41.01 12.52
N PRO A 139 -2.86 42.23 13.10
CA PRO A 139 -3.63 42.46 14.33
C PRO A 139 -5.15 42.21 14.16
N SER A 140 -5.72 42.43 12.98
CA SER A 140 -7.17 42.14 12.73
C SER A 140 -7.46 40.63 12.73
N TRP A 141 -6.47 39.77 12.94
CA TRP A 141 -6.79 38.32 13.14
C TRP A 141 -7.83 38.18 14.26
N VAL A 142 -7.76 39.00 15.32
CA VAL A 142 -8.65 38.85 16.51
C VAL A 142 -10.09 39.12 16.09
N HIS A 143 -10.33 39.90 15.04
CA HIS A 143 -11.71 40.14 14.53
C HIS A 143 -12.40 38.83 14.13
N TYR A 144 -11.64 37.82 13.69
CA TYR A 144 -12.13 36.51 13.19
C TYR A 144 -12.10 35.42 14.29
N GLN A 145 -11.63 35.78 15.49
CA GLN A 145 -11.34 34.83 16.60
C GLN A 145 -12.55 33.98 16.96
N CYS A 146 -13.73 34.59 17.05
CA CYS A 146 -14.95 33.88 17.52
C CYS A 146 -15.40 32.86 16.47
N MET A 147 -14.91 32.95 15.23
CA MET A 147 -15.26 32.01 14.12
C MET A 147 -14.32 30.79 14.09
N LEU A 148 -13.22 30.78 14.84
CA LEU A 148 -12.19 29.71 14.74
C LEU A 148 -12.75 28.45 15.40
N ARG A 149 -12.58 27.31 14.76
CA ARG A 149 -12.73 25.97 15.40
C ARG A 149 -11.42 25.26 15.22
N VAL A 150 -10.75 24.93 16.32
CA VAL A 150 -9.30 24.60 16.28
C VAL A 150 -9.14 23.09 16.50
N LEU A 151 -8.75 22.34 15.47
CA LEU A 151 -8.63 20.86 15.54
C LEU A 151 -7.36 20.55 16.33
N ASP A 152 -7.54 20.02 17.54
CA ASP A 152 -6.49 19.86 18.58
C ASP A 152 -6.72 18.48 19.19
N SER A 153 -6.04 17.49 18.67
CA SER A 153 -6.41 16.08 18.87
C SER A 153 -6.45 15.77 20.36
N PHE A 154 -5.41 16.11 21.12
CA PHE A 154 -5.25 15.72 22.55
C PHE A 154 -5.95 16.68 23.54
N GLY A 155 -6.38 17.84 23.06
CA GLY A 155 -7.18 18.82 23.83
C GLY A 155 -6.34 19.87 24.55
N THR A 156 -6.98 20.99 24.92
CA THR A 156 -6.36 22.14 25.61
C THR A 156 -7.14 22.43 26.89
N GLU A 157 -6.50 22.29 28.05
CA GLU A 157 -7.15 22.62 29.34
C GLU A 157 -7.05 24.12 29.58
N PRO A 158 -8.04 24.73 30.23
CA PRO A 158 -8.06 26.18 30.39
C PRO A 158 -6.75 26.78 30.96
N GLU A 159 -6.04 26.07 31.87
CA GLU A 159 -4.80 26.63 32.48
C GLU A 159 -3.73 26.85 31.42
N PHE A 160 -3.79 26.15 30.30
CA PHE A 160 -2.75 26.24 29.25
C PHE A 160 -3.18 27.25 28.21
N ASN A 161 -4.48 27.55 28.14
CA ASN A 161 -5.08 28.41 27.08
C ASN A 161 -4.93 29.89 27.48
N HIS A 162 -5.12 30.20 28.77
CA HIS A 162 -4.94 31.54 29.39
C HIS A 162 -3.44 31.88 29.46
N ALA A 163 -2.97 32.70 28.54
CA ALA A 163 -1.55 33.07 28.36
C ALA A 163 -0.93 33.52 29.71
N ASN A 164 -1.54 34.47 30.43
CA ASN A 164 -0.90 35.04 31.64
C ASN A 164 -0.89 33.96 32.75
N TYR A 165 -1.97 33.21 32.91
CA TYR A 165 -2.09 32.17 33.96
C TYR A 165 -1.09 31.07 33.70
N ALA A 166 -0.93 30.67 32.44
CA ALA A 166 0.02 29.65 31.96
C ALA A 166 1.44 30.10 32.32
N GLN A 167 1.80 31.35 32.04
CA GLN A 167 3.13 31.91 32.39
C GLN A 167 3.32 31.82 33.91
N SER A 168 2.30 32.18 34.68
CA SER A 168 2.37 32.25 36.16
C SER A 168 2.56 30.84 36.75
N LYS A 169 2.29 29.78 35.99
CA LYS A 169 2.46 28.39 36.50
C LYS A 169 3.75 27.79 35.93
N GLY A 170 4.46 28.53 35.08
CA GLY A 170 5.65 28.08 34.32
C GLY A 170 5.30 27.05 33.27
N HIS A 171 4.09 27.09 32.69
CA HIS A 171 3.73 26.19 31.56
C HIS A 171 4.44 26.71 30.30
N LYS A 172 5.33 25.91 29.72
CA LYS A 172 6.18 26.37 28.58
C LYS A 172 5.57 25.92 27.27
N THR A 173 4.38 25.25 27.30
CA THR A 173 3.75 24.65 26.10
C THR A 173 3.92 25.57 24.90
N PRO A 174 4.45 25.11 23.75
CA PRO A 174 4.37 25.87 22.51
C PRO A 174 2.99 25.85 21.84
N TRP A 175 2.01 25.11 22.38
CA TRP A 175 0.70 24.84 21.74
C TRP A 175 -0.41 25.71 22.34
N GLY A 176 -0.17 26.29 23.52
CA GLY A 176 -1.21 26.92 24.36
C GLY A 176 -1.17 28.42 24.22
N LYS A 177 -1.73 29.12 25.21
CA LYS A 177 -1.61 30.60 25.37
C LYS A 177 -2.39 31.32 24.25
N TRP A 178 -3.41 30.69 23.65
CA TRP A 178 -4.19 31.34 22.56
C TRP A 178 -5.34 32.21 23.09
N ASN A 179 -5.77 32.07 24.36
CA ASN A 179 -6.84 32.92 24.98
C ASN A 179 -8.16 32.78 24.18
N LEU A 180 -8.46 31.58 23.66
CA LEU A 180 -9.73 31.34 22.97
C LEU A 180 -10.74 30.99 24.05
N ASN A 181 -12.02 30.91 23.69
CA ASN A 181 -13.02 30.17 24.48
C ASN A 181 -12.63 28.71 24.36
N PRO A 182 -12.23 27.99 25.41
CA PRO A 182 -11.71 26.63 25.20
C PRO A 182 -12.65 25.61 24.53
N GLN A 183 -13.96 25.94 24.38
CA GLN A 183 -14.95 25.11 23.61
C GLN A 183 -14.66 25.24 22.10
N GLN A 184 -13.78 26.17 21.73
CA GLN A 184 -13.35 26.32 20.31
C GLN A 184 -12.32 25.25 19.90
N PHE A 185 -11.72 24.52 20.85
CA PHE A 185 -10.82 23.38 20.56
C PHE A 185 -11.69 22.15 20.29
N TYR A 186 -11.40 21.51 19.14
CA TYR A 186 -12.12 20.34 18.59
C TYR A 186 -11.21 19.12 18.72
N THR A 187 -11.57 18.17 19.59
CA THR A 187 -10.70 17.03 19.98
C THR A 187 -11.05 15.77 19.18
N MET A 188 -10.13 14.80 19.25
CA MET A 188 -10.20 13.51 18.53
C MET A 188 -11.19 12.59 19.23
N PHE A 189 -11.20 12.60 20.56
CA PHE A 189 -12.10 11.79 21.42
C PHE A 189 -12.70 12.74 22.44
N PRO A 190 -13.86 12.40 23.03
CA PRO A 190 -14.50 13.24 24.02
C PRO A 190 -13.85 12.98 25.38
N HIS A 191 -12.58 13.40 25.54
CA HIS A 191 -11.74 13.21 26.75
C HIS A 191 -11.62 14.53 27.52
N THR A 192 -11.98 15.67 26.91
CA THR A 192 -11.75 17.02 27.48
C THR A 192 -13.03 17.87 27.36
N PRO A 193 -13.92 17.82 28.37
CA PRO A 193 -15.16 18.58 28.33
C PRO A 193 -15.01 20.11 28.26
N ASP A 194 -13.84 20.64 28.65
CA ASP A 194 -13.49 22.06 28.44
C ASP A 194 -13.52 22.34 26.95
N ASN A 195 -13.30 21.32 26.10
CA ASN A 195 -13.29 21.49 24.63
C ASN A 195 -14.55 20.86 24.01
N SER A 196 -14.71 20.95 22.68
CA SER A 196 -15.73 20.23 21.89
C SER A 196 -15.12 18.95 21.32
N PHE A 197 -15.90 17.88 21.30
CA PHE A 197 -15.54 16.62 20.63
C PHE A 197 -15.92 16.71 19.15
N LEU A 198 -14.93 16.74 18.24
CA LEU A 198 -15.17 16.65 16.78
C LEU A 198 -15.19 15.18 16.36
N GLY A 199 -14.14 14.42 16.71
CA GLY A 199 -13.98 13.02 16.27
C GLY A 199 -13.79 12.86 14.77
N PHE A 200 -14.38 11.79 14.23
CA PHE A 200 -14.14 11.29 12.84
C PHE A 200 -15.08 10.11 12.63
N VAL A 201 -15.02 9.47 11.48
CA VAL A 201 -15.84 8.27 11.19
C VAL A 201 -14.93 7.06 11.15
N VAL A 202 -15.35 5.99 11.82
CA VAL A 202 -14.69 4.67 11.75
C VAL A 202 -15.10 4.00 10.45
N GLU A 203 -14.16 3.89 9.52
CA GLU A 203 -14.28 3.07 8.27
C GLU A 203 -14.58 1.61 8.61
N GLN A 204 -15.52 1.01 7.85
CA GLN A 204 -15.92 -0.43 7.92
C GLN A 204 -16.65 -0.76 6.59
N HIS A 205 -16.59 -2.01 6.12
CA HIS A 205 -17.14 -2.42 4.78
C HIS A 205 -17.86 -3.77 4.84
N LEU A 206 -18.47 -4.12 5.99
CA LEU A 206 -19.26 -5.37 6.16
C LEU A 206 -20.69 -5.15 5.64
N ASN A 207 -21.33 -6.19 5.10
CA ASN A 207 -22.77 -6.25 4.74
C ASN A 207 -23.40 -7.41 5.53
N LYS A 218 -13.76 -15.31 9.99
CA LYS A 218 -12.75 -14.96 11.04
C LYS A 218 -11.94 -16.19 11.46
N ARG A 219 -10.63 -16.10 11.32
CA ARG A 219 -9.65 -17.12 11.78
C ARG A 219 -9.49 -16.89 13.28
N GLN A 220 -10.06 -17.78 14.09
CA GLN A 220 -10.18 -17.64 15.56
C GLN A 220 -8.78 -17.54 16.16
N ASN A 221 -7.75 -17.92 15.40
CA ASN A 221 -6.34 -18.03 15.84
C ASN A 221 -5.56 -16.76 15.49
N GLN A 222 -6.17 -15.86 14.73
CA GLN A 222 -5.44 -14.74 14.06
C GLN A 222 -5.51 -13.45 14.91
N SER A 223 -4.35 -13.03 15.42
CA SER A 223 -4.14 -11.70 16.05
C SER A 223 -3.36 -10.79 15.09
N LEU A 224 -3.62 -9.49 15.19
CA LEU A 224 -2.97 -8.45 14.35
C LEU A 224 -2.47 -7.36 15.28
N VAL A 225 -1.19 -7.02 15.19
CA VAL A 225 -0.58 -6.03 16.11
C VAL A 225 -0.80 -4.61 15.57
N TYR A 226 -1.15 -3.71 16.48
CA TYR A 226 -1.28 -2.25 16.30
C TYR A 226 0.09 -1.61 16.41
N GLY A 227 0.56 -1.00 15.33
CA GLY A 227 1.83 -0.28 15.29
C GLY A 227 2.50 -0.45 13.95
N LYS A 228 2.34 0.54 13.08
CA LYS A 228 2.81 0.42 11.68
C LYS A 228 4.26 0.89 11.56
N VAL A 229 4.96 1.02 12.67
CA VAL A 229 6.38 1.49 12.77
C VAL A 229 7.11 0.57 13.74
N ASP A 230 8.32 0.15 13.37
CA ASP A 230 9.12 -0.93 14.05
C ASP A 230 9.43 -0.52 15.48
N SER A 231 9.85 0.73 15.68
CA SER A 231 10.27 1.31 16.98
C SER A 231 9.15 1.12 18.04
N PHE A 232 7.86 1.13 17.65
CA PHE A 232 6.72 0.93 18.58
C PHE A 232 6.82 -0.42 19.26
N TRP A 233 7.43 -1.42 18.59
CA TRP A 233 7.52 -2.82 19.08
C TRP A 233 8.66 -3.01 20.08
N LYS A 234 9.53 -2.01 20.26
CA LYS A 234 10.62 -2.06 21.28
C LYS A 234 10.13 -2.75 22.58
N ASN A 235 10.71 -3.89 22.94
CA ASN A 235 10.62 -4.53 24.28
C ASN A 235 9.19 -5.03 24.55
N LYS A 236 8.53 -5.59 23.54
CA LYS A 236 7.17 -6.18 23.67
C LYS A 236 7.24 -7.71 23.50
N LYS A 237 8.46 -8.27 23.47
CA LYS A 237 8.71 -9.68 23.05
C LYS A 237 7.93 -10.60 23.98
N ILE A 238 8.00 -10.37 25.29
CA ILE A 238 7.35 -11.23 26.34
C ILE A 238 5.82 -11.22 26.13
N TYR A 239 5.23 -10.04 25.97
CA TYR A 239 3.78 -9.83 25.75
C TYR A 239 3.35 -10.58 24.47
N LEU A 240 4.03 -10.30 23.35
CA LEU A 240 3.73 -10.94 22.04
C LEU A 240 3.87 -12.47 22.18
N ASP A 241 4.89 -12.95 22.91
CA ASP A 241 5.11 -14.40 23.19
C ASP A 241 3.86 -14.97 23.85
N ILE A 242 3.30 -14.30 24.87
CA ILE A 242 2.06 -14.74 25.57
C ILE A 242 0.94 -14.93 24.53
N ILE A 243 0.71 -13.91 23.72
CA ILE A 243 -0.36 -13.94 22.69
C ILE A 243 -0.03 -15.05 21.68
N HIS A 244 1.24 -15.23 21.32
CA HIS A 244 1.70 -16.24 20.30
C HIS A 244 1.45 -17.66 20.82
N THR A 245 1.36 -17.87 22.14
CA THR A 245 1.11 -19.20 22.75
C THR A 245 -0.25 -19.72 22.27
N TYR A 246 -1.16 -18.80 21.90
CA TYR A 246 -2.56 -19.10 21.52
C TYR A 246 -2.86 -18.73 20.06
N MET A 247 -2.06 -17.88 19.43
CA MET A 247 -2.51 -17.17 18.22
C MET A 247 -1.34 -16.88 17.29
N GLU A 248 -1.59 -16.92 15.99
CA GLU A 248 -0.73 -16.28 14.98
C GLU A 248 -0.72 -14.78 15.31
N VAL A 249 0.41 -14.13 15.07
CA VAL A 249 0.66 -12.69 15.30
C VAL A 249 1.03 -12.09 13.96
N HIS A 250 0.12 -11.34 13.34
CA HIS A 250 0.35 -10.60 12.09
C HIS A 250 0.74 -9.15 12.40
N ALA A 251 1.18 -8.42 11.37
CA ALA A 251 1.66 -7.02 11.50
C ALA A 251 1.40 -6.29 10.18
N THR A 252 1.25 -4.97 10.26
CA THR A 252 1.25 -4.05 9.08
C THR A 252 2.35 -2.99 9.29
N VAL A 253 3.62 -3.39 9.18
CA VAL A 253 4.82 -2.55 9.47
C VAL A 253 5.58 -2.31 8.16
N TYR A 254 5.90 -1.04 7.86
CA TYR A 254 6.70 -0.56 6.71
C TYR A 254 8.15 -1.05 6.81
N THR A 258 14.46 -3.60 11.17
CA THR A 258 13.15 -4.08 11.67
C THR A 258 13.39 -5.25 12.65
N LYS A 259 14.31 -5.06 13.60
CA LYS A 259 14.81 -6.12 14.51
C LYS A 259 14.18 -5.98 15.90
N ASN A 260 12.99 -5.39 16.01
CA ASN A 260 12.18 -5.45 17.27
C ASN A 260 11.09 -6.52 17.14
N ILE A 261 10.70 -6.81 15.90
CA ILE A 261 9.56 -7.69 15.49
C ILE A 261 10.05 -9.13 15.52
N PRO A 262 9.56 -9.98 16.45
CA PRO A 262 9.99 -11.39 16.50
C PRO A 262 9.86 -12.11 15.14
N SER A 263 10.54 -13.27 15.04
CA SER A 263 10.66 -14.14 13.84
C SER A 263 9.29 -14.69 13.39
N TYR A 264 8.39 -15.02 14.34
CA TYR A 264 7.08 -15.66 14.05
C TYR A 264 6.03 -14.66 13.53
N VAL A 265 6.32 -13.37 13.52
CA VAL A 265 5.33 -12.32 13.13
C VAL A 265 5.15 -12.34 11.60
N LYS A 266 3.91 -12.39 11.14
CA LYS A 266 3.58 -12.39 9.70
C LYS A 266 3.32 -10.95 9.26
N ASN A 267 4.36 -10.28 8.75
CA ASN A 267 4.27 -8.86 8.33
C ASN A 267 3.67 -8.76 6.92
N HIS A 268 2.51 -8.11 6.78
CA HIS A 268 1.85 -7.85 5.47
C HIS A 268 2.37 -6.54 4.85
N GLY A 269 3.24 -5.81 5.53
CA GLY A 269 3.57 -4.43 5.13
C GLY A 269 2.41 -3.44 5.30
N ILE A 270 2.62 -2.20 4.92
CA ILE A 270 1.56 -1.16 4.91
C ILE A 270 0.48 -1.60 3.93
N LEU A 271 -0.77 -1.72 4.37
CA LEU A 271 -1.87 -2.08 3.45
C LEU A 271 -2.68 -0.83 3.09
N SER A 272 -3.04 -0.72 1.82
CA SER A 272 -4.07 0.23 1.34
C SER A 272 -5.34 -0.04 2.15
N GLY A 273 -6.20 0.97 2.34
CA GLY A 273 -7.31 0.90 3.30
C GLY A 273 -8.22 -0.29 3.03
N ARG A 274 -8.48 -0.58 1.75
CA ARG A 274 -9.37 -1.68 1.28
C ARG A 274 -8.86 -3.00 1.86
N ASP A 275 -7.55 -3.22 1.70
CA ASP A 275 -6.84 -4.47 2.03
C ASP A 275 -6.65 -4.53 3.55
N LEU A 276 -6.36 -3.41 4.19
CA LEU A 276 -6.30 -3.38 5.68
C LEU A 276 -7.68 -3.78 6.23
N GLN A 277 -8.75 -3.20 5.67
CA GLN A 277 -10.14 -3.46 6.12
C GLN A 277 -10.47 -4.95 5.95
N PHE A 278 -9.96 -5.60 4.90
CA PHE A 278 -10.18 -7.05 4.66
C PHE A 278 -9.36 -7.89 5.66
N LEU A 279 -8.18 -7.44 6.06
CA LEU A 279 -7.38 -8.13 7.12
C LEU A 279 -8.09 -8.01 8.49
N LEU A 280 -8.67 -6.85 8.80
CA LEU A 280 -9.44 -6.65 10.06
C LEU A 280 -10.64 -7.62 10.07
N ARG A 281 -11.34 -7.74 8.94
CA ARG A 281 -12.53 -8.63 8.79
C ARG A 281 -12.18 -10.04 9.27
N GLU A 282 -11.00 -10.57 9.00
CA GLU A 282 -10.68 -12.00 9.31
C GLU A 282 -9.85 -12.13 10.60
N THR A 283 -9.55 -11.02 11.27
CA THR A 283 -8.70 -11.02 12.48
C THR A 283 -9.59 -11.14 13.71
N LYS A 284 -9.16 -11.98 14.64
CA LYS A 284 -9.87 -12.21 15.93
C LYS A 284 -9.52 -11.10 16.93
N LEU A 285 -8.24 -10.79 17.06
CA LEU A 285 -7.72 -9.90 18.14
C LEU A 285 -6.79 -8.84 17.55
N PHE A 286 -7.05 -7.56 17.82
CA PHE A 286 -6.16 -6.42 17.50
C PHE A 286 -5.37 -6.10 18.78
N VAL A 287 -4.05 -6.06 18.69
CA VAL A 287 -3.18 -6.05 19.88
C VAL A 287 -2.49 -4.69 20.00
N GLY A 288 -2.75 -3.99 21.11
CA GLY A 288 -2.07 -2.74 21.44
C GLY A 288 -0.73 -3.05 22.09
N LEU A 289 0.27 -2.23 21.80
CA LEU A 289 1.65 -2.31 22.35
C LEU A 289 1.81 -1.24 23.43
N GLY A 290 0.92 -0.25 23.52
CA GLY A 290 1.05 0.88 24.46
C GLY A 290 1.20 2.22 23.73
N PHE A 291 1.55 2.19 22.44
CA PHE A 291 1.76 3.38 21.57
C PHE A 291 1.32 3.03 20.15
N PRO A 292 0.62 3.90 19.37
CA PRO A 292 0.31 5.28 19.75
C PRO A 292 -0.95 5.45 20.60
N TYR A 293 -1.09 6.65 21.18
CA TYR A 293 -2.20 7.01 22.10
C TYR A 293 -3.39 7.51 21.29
N GLU A 294 -4.57 7.00 21.57
CA GLU A 294 -5.85 7.61 21.15
C GLU A 294 -5.82 7.82 19.65
N GLY A 295 -5.66 6.72 18.91
CA GLY A 295 -5.75 6.73 17.43
C GLY A 295 -7.06 6.12 16.96
N PRO A 296 -7.39 6.27 15.66
CA PRO A 296 -8.56 5.60 15.09
C PRO A 296 -8.47 4.08 14.94
N ALA A 297 -7.27 3.53 14.77
CA ALA A 297 -7.10 2.13 14.28
C ALA A 297 -7.84 1.15 15.17
N PRO A 298 -7.82 1.28 16.52
CA PRO A 298 -8.54 0.34 17.37
C PRO A 298 -10.06 0.33 17.15
N LEU A 299 -10.65 1.47 16.79
CA LEU A 299 -12.12 1.56 16.55
C LEU A 299 -12.41 0.91 15.21
N GLU A 300 -11.48 0.95 14.27
CA GLU A 300 -11.63 0.21 12.98
C GLU A 300 -11.68 -1.30 13.28
N ALA A 301 -10.79 -1.80 14.13
CA ALA A 301 -10.71 -3.23 14.49
C ALA A 301 -12.07 -3.65 15.07
N ILE A 302 -12.61 -2.84 16.00
CA ILE A 302 -13.86 -3.14 16.75
C ILE A 302 -15.05 -3.05 15.79
N ALA A 303 -15.07 -2.09 14.88
CA ALA A 303 -16.13 -1.99 13.85
C ALA A 303 -16.12 -3.24 12.96
N ASN A 304 -14.96 -3.91 12.82
CA ASN A 304 -14.81 -5.16 12.02
C ASN A 304 -14.97 -6.40 12.93
N GLY A 305 -15.45 -6.23 14.15
CA GLY A 305 -15.72 -7.38 15.03
C GLY A 305 -14.45 -7.95 15.67
N CYS A 306 -13.30 -7.29 15.58
CA CYS A 306 -12.11 -7.69 16.37
C CYS A 306 -12.27 -7.23 17.82
N ALA A 307 -11.86 -8.06 18.76
CA ALA A 307 -11.56 -7.63 20.14
C ALA A 307 -10.32 -6.74 20.06
N PHE A 308 -10.16 -5.82 21.02
CA PHE A 308 -8.96 -4.98 21.17
C PHE A 308 -8.36 -5.26 22.53
N LEU A 309 -7.08 -5.60 22.56
CA LEU A 309 -6.33 -5.78 23.82
C LEU A 309 -5.62 -4.46 24.09
N ASN A 310 -6.11 -3.76 25.13
CA ASN A 310 -5.88 -2.32 25.42
C ASN A 310 -4.93 -2.18 26.59
N PRO A 311 -3.63 -1.87 26.36
CA PRO A 311 -2.67 -1.79 27.46
C PRO A 311 -3.10 -0.75 28.51
N LYS A 312 -3.24 -1.22 29.75
CA LYS A 312 -3.67 -0.38 30.90
C LYS A 312 -2.42 0.31 31.45
N PHE A 313 -2.55 1.58 31.84
CA PHE A 313 -1.48 2.42 32.45
C PHE A 313 -1.83 2.65 33.92
N ASN A 314 -1.07 2.00 34.79
CA ASN A 314 -1.17 2.04 36.27
C ASN A 314 0.26 2.23 36.75
N PRO A 315 0.73 3.47 37.02
CA PRO A 315 -0.14 4.66 37.11
C PRO A 315 -0.49 5.23 35.72
N PRO A 316 -1.50 6.13 35.62
CA PRO A 316 -1.88 6.73 34.34
C PRO A 316 -0.75 7.58 33.74
N LYS A 317 -0.72 7.70 32.42
CA LYS A 317 0.35 8.46 31.72
C LYS A 317 -0.11 9.91 31.52
N SER A 318 0.84 10.83 31.59
CA SER A 318 0.63 12.29 31.52
C SER A 318 2.01 12.95 31.37
N SER A 319 2.05 14.28 31.28
CA SER A 319 3.32 15.08 31.31
C SER A 319 4.15 14.73 32.57
N LYS A 320 3.50 14.41 33.68
CA LYS A 320 4.19 14.05 34.95
C LYS A 320 5.18 12.89 34.74
N ASN A 321 4.96 11.97 33.80
CA ASN A 321 5.77 10.72 33.75
C ASN A 321 6.02 10.22 32.34
N THR A 322 5.61 10.94 31.27
CA THR A 322 5.71 10.46 29.88
C THR A 322 6.19 11.61 28.96
N ASP A 323 7.38 11.44 28.38
CA ASP A 323 8.07 12.45 27.53
C ASP A 323 7.12 12.96 26.43
N PHE A 324 6.38 12.09 25.76
CA PHE A 324 5.45 12.40 24.64
C PHE A 324 4.53 13.56 25.03
N PHE A 325 4.11 13.62 26.31
CA PHE A 325 3.08 14.56 26.79
C PHE A 325 3.68 15.88 27.30
N ILE A 326 5.00 15.96 27.48
CA ILE A 326 5.64 17.20 27.99
C ILE A 326 5.45 18.26 26.91
N GLY A 327 4.99 19.43 27.26
CA GLY A 327 4.75 20.51 26.29
C GLY A 327 3.34 20.53 25.72
N LYS A 328 2.55 19.46 25.92
CA LYS A 328 1.15 19.43 25.42
C LYS A 328 0.28 20.27 26.35
N PRO A 329 -0.72 21.05 25.83
CA PRO A 329 -1.43 22.02 26.64
C PRO A 329 -2.55 21.38 27.48
N THR A 330 -2.17 20.34 28.23
CA THR A 330 -3.08 19.57 29.11
C THR A 330 -2.24 18.82 30.16
N LEU A 331 -2.85 18.50 31.30
CA LEU A 331 -2.39 17.59 32.37
C LEU A 331 -3.31 16.38 32.40
N ARG A 332 -4.14 16.20 31.38
CA ARG A 332 -5.04 15.01 31.29
C ARG A 332 -4.20 13.73 31.46
N GLU A 333 -4.70 12.81 32.27
CA GLU A 333 -4.07 11.50 32.58
C GLU A 333 -4.77 10.43 31.74
N LEU A 334 -4.00 9.63 30.98
CA LEU A 334 -4.51 8.49 30.18
C LEU A 334 -4.46 7.21 31.00
N THR A 335 -5.61 6.53 31.20
CA THR A 335 -5.69 5.30 32.01
C THR A 335 -5.32 4.07 31.19
N SER A 336 -5.12 4.21 29.88
CA SER A 336 -4.88 3.11 28.91
C SER A 336 -4.47 3.71 27.56
N GLN A 337 -3.99 2.89 26.63
CA GLN A 337 -3.56 3.37 25.30
C GLN A 337 -4.74 4.08 24.64
N HIS A 338 -5.96 3.58 24.89
CA HIS A 338 -7.21 4.07 24.28
C HIS A 338 -8.26 4.24 25.36
N PRO A 339 -8.22 5.34 26.13
CA PRO A 339 -9.20 5.53 27.21
C PRO A 339 -10.65 5.56 26.71
N TYR A 340 -10.90 6.08 25.51
CA TYR A 340 -12.27 6.07 24.93
C TYR A 340 -12.76 4.63 24.76
N ALA A 341 -11.93 3.77 24.16
CA ALA A 341 -12.26 2.34 23.95
C ALA A 341 -12.52 1.68 25.29
N GLU A 342 -11.61 1.91 26.25
CA GLU A 342 -11.68 1.37 27.63
C GLU A 342 -13.05 1.71 28.26
N VAL A 343 -13.45 2.98 28.26
CA VAL A 343 -14.54 3.49 29.14
C VAL A 343 -15.87 3.49 28.36
N PHE A 344 -15.87 3.84 27.07
CA PHE A 344 -17.12 4.02 26.29
C PHE A 344 -17.46 2.76 25.49
N ILE A 345 -16.58 1.75 25.44
CA ILE A 345 -16.88 0.44 24.79
C ILE A 345 -16.72 -0.66 25.85
N GLY A 346 -15.54 -0.89 26.36
CA GLY A 346 -15.33 -1.93 27.40
C GLY A 346 -15.63 -3.32 26.86
N ARG A 347 -15.68 -4.30 27.76
CA ARG A 347 -15.92 -5.73 27.45
C ARG A 347 -17.29 -5.87 26.82
N PRO A 348 -17.50 -6.84 25.90
CA PRO A 348 -16.49 -7.83 25.53
C PRO A 348 -15.51 -7.40 24.42
N HIS A 349 -15.77 -6.25 23.77
CA HIS A 349 -14.99 -5.75 22.61
C HIS A 349 -13.57 -5.31 23.02
N VAL A 350 -13.41 -4.70 24.20
CA VAL A 350 -12.12 -4.09 24.66
C VAL A 350 -11.71 -4.71 26.00
N TRP A 351 -10.51 -5.27 26.05
CA TRP A 351 -9.93 -5.88 27.29
C TRP A 351 -8.75 -5.02 27.67
N THR A 352 -8.88 -4.35 28.81
CA THR A 352 -7.90 -3.38 29.32
C THR A 352 -7.05 -4.11 30.34
N VAL A 353 -5.79 -4.39 30.01
CA VAL A 353 -4.90 -5.27 30.82
C VAL A 353 -3.55 -4.58 30.99
N ASP A 354 -2.97 -4.74 32.17
CA ASP A 354 -1.56 -4.42 32.48
C ASP A 354 -0.72 -5.47 31.76
N LEU A 355 0.06 -5.05 30.78
CA LEU A 355 1.10 -5.86 30.09
C LEU A 355 2.04 -6.51 31.10
N ASN A 356 2.17 -5.99 32.31
CA ASN A 356 3.02 -6.56 33.40
C ASN A 356 2.38 -7.85 33.93
N ASN A 357 1.11 -7.82 34.31
CA ASN A 357 0.37 -8.98 34.89
C ASN A 357 0.14 -10.01 33.78
N GLN A 358 1.01 -11.03 33.72
CA GLN A 358 0.98 -12.14 32.74
C GLN A 358 -0.35 -12.90 32.78
N GLU A 359 -0.88 -13.15 33.99
CA GLU A 359 -2.18 -13.82 34.22
C GLU A 359 -3.30 -13.05 33.51
N GLU A 360 -3.38 -11.75 33.81
CA GLU A 360 -4.38 -10.81 33.25
C GLU A 360 -4.37 -10.96 31.72
N VAL A 361 -3.20 -10.87 31.10
CA VAL A 361 -3.01 -10.93 29.62
C VAL A 361 -3.50 -12.30 29.10
N GLU A 362 -3.08 -13.38 29.75
CA GLU A 362 -3.42 -14.77 29.35
C GLU A 362 -4.94 -14.98 29.40
N ASP A 363 -5.55 -14.68 30.56
CA ASP A 363 -7.01 -14.84 30.80
C ASP A 363 -7.77 -14.01 29.76
N ALA A 364 -7.25 -12.83 29.40
CA ALA A 364 -7.92 -11.95 28.42
C ALA A 364 -7.89 -12.68 27.07
N VAL A 365 -6.72 -13.13 26.64
CA VAL A 365 -6.62 -13.83 25.33
C VAL A 365 -7.54 -15.06 25.35
N LYS A 366 -7.47 -15.88 26.41
CA LYS A 366 -8.23 -17.16 26.47
C LYS A 366 -9.72 -16.83 26.36
N ALA A 367 -10.18 -15.78 27.05
CA ALA A 367 -11.59 -15.34 27.05
C ALA A 367 -11.94 -14.86 25.64
N ILE A 368 -11.09 -14.01 25.06
CA ILE A 368 -11.32 -13.43 23.70
C ILE A 368 -11.50 -14.58 22.71
N LEU A 369 -10.69 -15.66 22.84
CA LEU A 369 -10.78 -16.83 21.92
C LEU A 369 -12.17 -17.45 22.04
N ASN A 370 -12.76 -17.41 23.24
CA ASN A 370 -14.00 -18.14 23.55
C ASN A 370 -15.22 -17.23 23.37
N GLN A 371 -15.01 -15.92 23.15
CA GLN A 371 -16.11 -14.94 22.96
C GLN A 371 -16.67 -15.08 21.55
N LYS A 372 -17.94 -14.73 21.37
CA LYS A 372 -18.55 -14.42 20.06
C LYS A 372 -19.03 -12.95 20.10
N ILE A 373 -18.43 -12.04 19.35
CA ILE A 373 -18.77 -10.58 19.45
C ILE A 373 -19.24 -10.10 18.09
N GLU A 374 -20.11 -9.09 18.07
CA GLU A 374 -20.57 -8.45 16.81
C GLU A 374 -19.70 -7.24 16.53
N PRO A 375 -19.51 -6.92 15.25
CA PRO A 375 -19.07 -5.59 14.85
C PRO A 375 -19.82 -4.54 15.68
N TYR A 376 -19.11 -3.57 16.25
CA TYR A 376 -19.72 -2.45 17.04
C TYR A 376 -19.05 -1.13 16.68
N MET A 377 -19.88 -0.10 16.42
CA MET A 377 -19.44 1.31 16.29
C MET A 377 -20.31 2.17 17.20
N PRO A 378 -19.71 2.99 18.08
CA PRO A 378 -20.52 3.96 18.81
C PRO A 378 -21.17 4.87 17.74
N TYR A 379 -22.42 5.29 17.94
CA TYR A 379 -23.18 6.16 17.02
C TYR A 379 -22.34 7.40 16.65
N GLU A 380 -21.71 8.04 17.63
CA GLU A 380 -20.97 9.31 17.34
C GLU A 380 -19.82 9.07 16.35
N PHE A 381 -19.35 7.83 16.14
CA PHE A 381 -18.28 7.53 15.17
C PHE A 381 -18.81 6.98 13.84
N THR A 382 -20.12 7.06 13.58
CA THR A 382 -20.71 6.66 12.27
C THR A 382 -20.84 7.92 11.43
N CYS A 383 -20.99 7.74 10.13
CA CYS A 383 -21.18 8.85 9.17
C CYS A 383 -22.33 9.73 9.67
N GLU A 384 -23.49 9.11 9.97
CA GLU A 384 -24.72 9.84 10.35
C GLU A 384 -24.53 10.56 11.70
N GLY A 385 -24.00 9.86 12.70
CA GLY A 385 -23.59 10.47 13.98
C GLY A 385 -22.67 11.67 13.78
N MET A 386 -21.67 11.56 12.91
CA MET A 386 -20.70 12.66 12.76
C MET A 386 -21.40 13.82 12.08
N LEU A 387 -22.25 13.53 11.09
CA LEU A 387 -22.98 14.59 10.32
C LEU A 387 -23.90 15.32 11.28
N GLN A 388 -24.59 14.59 12.15
CA GLN A 388 -25.51 15.19 13.15
C GLN A 388 -24.71 16.10 14.11
N ARG A 389 -23.56 15.62 14.60
CA ARG A 389 -22.74 16.35 15.60
C ARG A 389 -22.27 17.67 14.98
N ILE A 390 -21.69 17.62 13.78
CA ILE A 390 -21.08 18.80 13.13
C ILE A 390 -22.20 19.75 12.65
N ASN A 391 -23.34 19.22 12.22
CA ASN A 391 -24.48 20.08 11.80
C ASN A 391 -24.95 20.84 13.05
N ALA A 392 -25.05 20.20 14.20
CA ALA A 392 -25.51 20.89 15.42
C ALA A 392 -24.46 21.95 15.78
N PHE A 393 -23.15 21.64 15.72
CA PHE A 393 -22.09 22.64 16.06
C PHE A 393 -22.26 23.87 15.15
N ILE A 394 -22.42 23.65 13.85
CA ILE A 394 -22.46 24.74 12.83
C ILE A 394 -23.71 25.59 13.04
N GLU A 395 -24.86 24.98 13.33
CA GLU A 395 -26.14 25.71 13.41
C GLU A 395 -26.24 26.38 14.77
N LYS A 396 -25.77 25.74 15.84
CA LYS A 396 -26.10 26.16 17.23
C LYS A 396 -24.88 26.73 18.00
N GLN A 397 -23.64 26.36 17.69
CA GLN A 397 -22.48 26.75 18.56
C GLN A 397 -22.01 28.14 18.12
N ASP A 398 -22.20 29.14 18.95
CA ASP A 398 -21.89 30.55 18.55
C ASP A 398 -21.07 31.19 19.67
N PHE A 399 -19.88 31.68 19.33
CA PHE A 399 -18.96 32.43 20.22
C PHE A 399 -18.91 33.89 19.77
N CYS A 400 -19.72 34.25 18.75
CA CYS A 400 -19.81 35.62 18.19
C CYS A 400 -21.05 36.37 18.73
N HIS A 401 -21.69 35.86 19.79
CA HIS A 401 -22.69 36.58 20.64
C HIS A 401 -23.98 36.83 19.86
N GLY A 402 -24.01 36.48 18.56
CA GLY A 402 -25.12 36.66 17.60
C GLY A 402 -26.35 35.78 17.87
N GLN A 403 -26.23 34.61 18.51
CA GLN A 403 -27.35 33.62 18.62
C GLN A 403 -27.80 33.48 20.08
N VAL A 404 -28.86 32.70 20.30
CA VAL A 404 -29.41 32.32 21.63
C VAL A 404 -28.45 31.31 22.28
N MET A 405 -28.50 31.23 23.60
CA MET A 405 -27.63 30.40 24.45
C MET A 405 -27.72 28.92 24.06
N TRP A 406 -26.58 28.30 23.77
CA TRP A 406 -26.47 26.85 23.47
C TRP A 406 -25.23 26.28 24.13
N PRO A 407 -25.34 25.18 24.90
CA PRO A 407 -26.61 24.50 25.14
C PRO A 407 -27.55 25.37 25.98
N PRO A 408 -28.89 25.12 25.91
CA PRO A 408 -29.88 25.92 26.65
C PRO A 408 -29.77 25.71 28.18
N LEU A 409 -30.07 26.77 28.93
CA LEU A 409 -29.95 26.81 30.41
C LEU A 409 -30.67 25.60 31.03
N SER A 410 -31.82 25.21 30.47
CA SER A 410 -32.65 24.04 30.88
C SER A 410 -31.83 22.76 31.06
N ALA A 411 -30.69 22.61 30.37
CA ALA A 411 -29.85 21.38 30.42
C ALA A 411 -29.00 21.34 31.67
N LEU A 412 -28.85 22.48 32.38
CA LEU A 412 -27.91 22.58 33.53
C LEU A 412 -28.35 21.62 34.65
N GLN A 413 -27.48 20.68 35.02
CA GLN A 413 -27.56 19.95 36.33
C GLN A 413 -26.32 20.26 37.18
N VAL A 414 -26.50 20.88 38.36
CA VAL A 414 -25.38 21.22 39.28
C VAL A 414 -25.06 20.00 40.15
N LYS A 415 -23.78 19.66 40.27
CA LYS A 415 -23.23 18.60 41.15
C LYS A 415 -22.03 19.22 41.89
N LEU A 416 -21.87 18.85 43.16
CA LEU A 416 -20.72 19.27 43.99
C LEU A 416 -19.64 18.21 43.88
N ALA A 417 -18.47 18.54 43.35
CA ALA A 417 -17.29 17.64 43.35
C ALA A 417 -16.70 17.62 44.75
N GLU A 418 -16.43 16.42 45.27
CA GLU A 418 -15.75 16.22 46.57
C GLU A 418 -14.28 16.61 46.40
N PRO A 419 -13.60 17.00 47.50
CA PRO A 419 -12.15 17.20 47.49
C PRO A 419 -11.41 16.09 46.75
N GLY A 420 -10.48 16.46 45.86
CA GLY A 420 -9.68 15.54 45.03
C GLY A 420 -10.46 15.04 43.82
N GLN A 421 -11.66 15.56 43.57
CA GLN A 421 -12.50 15.17 42.42
C GLN A 421 -12.65 16.42 41.54
N SER A 422 -12.40 16.28 40.23
CA SER A 422 -12.60 17.34 39.21
C SER A 422 -14.10 17.44 38.87
N CYS A 423 -14.49 18.56 38.26
CA CYS A 423 -15.83 18.73 37.65
C CYS A 423 -16.03 17.69 36.55
N LYS A 424 -15.00 17.40 35.74
CA LYS A 424 -15.10 16.34 34.68
C LYS A 424 -15.63 15.07 35.36
N GLN A 425 -15.03 14.68 36.49
CA GLN A 425 -15.24 13.33 37.11
C GLN A 425 -16.63 13.25 37.71
N VAL A 426 -17.09 14.30 38.39
CA VAL A 426 -18.38 14.26 39.16
C VAL A 426 -19.53 14.26 38.15
N CYS A 427 -19.46 15.04 37.07
CA CYS A 427 -20.48 15.00 36.01
C CYS A 427 -20.51 13.58 35.44
N GLN A 428 -19.34 13.03 35.12
CA GLN A 428 -19.18 11.68 34.51
C GLN A 428 -19.76 10.60 35.45
N GLU A 429 -19.56 10.73 36.76
CA GLU A 429 -19.96 9.71 37.77
C GLU A 429 -21.49 9.66 37.90
N SER A 430 -22.21 10.67 37.40
CA SER A 430 -23.69 10.72 37.32
C SER A 430 -24.16 10.49 35.87
N GLN A 431 -23.31 9.94 35.00
CA GLN A 431 -23.64 9.71 33.57
C GLN A 431 -24.03 11.04 32.91
N LEU A 432 -23.42 12.15 33.35
CA LEU A 432 -23.56 13.47 32.70
C LEU A 432 -22.18 13.83 32.14
N ILE A 433 -22.03 15.03 31.60
CA ILE A 433 -20.73 15.54 31.08
C ILE A 433 -20.62 17.00 31.54
N CYS A 434 -19.43 17.45 31.91
CA CYS A 434 -19.22 18.84 32.37
C CYS A 434 -19.54 19.74 31.17
N GLU A 435 -20.21 20.87 31.42
CA GLU A 435 -20.65 21.84 30.38
C GLU A 435 -20.15 23.23 30.77
N PRO A 436 -18.96 23.60 30.26
CA PRO A 436 -18.27 24.80 30.70
C PRO A 436 -19.06 26.09 30.44
N SER A 437 -20.00 26.11 29.48
CA SER A 437 -20.78 27.34 29.11
C SER A 437 -21.74 27.73 30.24
N PHE A 438 -21.92 26.87 31.25
CA PHE A 438 -22.83 27.10 32.41
C PHE A 438 -22.07 27.59 33.66
N PHE A 439 -20.73 27.63 33.66
CA PHE A 439 -19.95 28.13 34.81
C PHE A 439 -20.47 29.53 35.17
N GLN A 440 -20.77 30.35 34.16
CA GLN A 440 -21.22 31.77 34.30
C GLN A 440 -22.46 31.87 35.21
N HIS A 441 -23.34 30.85 35.20
CA HIS A 441 -24.60 30.80 36.00
C HIS A 441 -24.35 30.25 37.41
N LEU A 442 -23.08 29.95 37.80
CA LEU A 442 -22.77 29.34 39.12
C LEU A 442 -21.78 30.18 39.92
N ASN A 443 -21.75 31.51 39.73
CA ASN A 443 -20.54 32.27 40.11
C ASN A 443 -20.82 33.45 41.06
N LYS A 444 -21.95 33.48 41.78
CA LYS A 444 -22.23 34.54 42.79
C LYS A 444 -23.21 34.03 43.86
N ASP A 445 -23.18 34.70 45.02
CA ASP A 445 -23.87 34.31 46.28
C ASP A 445 -25.31 33.93 45.94
N LYS A 446 -26.00 34.82 45.22
CA LYS A 446 -27.45 34.75 44.89
C LYS A 446 -27.73 33.46 44.11
N ASP A 447 -26.91 33.15 43.10
CA ASP A 447 -27.11 32.00 42.17
C ASP A 447 -26.95 30.69 42.93
N MET A 448 -26.02 30.62 43.88
CA MET A 448 -25.75 29.38 44.67
C MET A 448 -26.97 28.97 45.52
N LEU A 449 -27.80 29.92 45.94
CA LEU A 449 -29.02 29.63 46.76
C LEU A 449 -29.90 28.66 45.96
N LYS A 450 -30.12 28.95 44.66
CA LYS A 450 -30.88 28.07 43.73
C LYS A 450 -30.41 26.60 43.83
N TYR A 451 -29.11 26.35 44.03
CA TYR A 451 -28.49 24.98 44.02
C TYR A 451 -28.12 24.58 45.45
N LYS A 452 -28.82 25.14 46.44
CA LYS A 452 -28.84 24.65 47.85
C LYS A 452 -27.42 24.65 48.42
N VAL A 453 -26.59 25.59 47.94
CA VAL A 453 -25.30 25.99 48.57
C VAL A 453 -25.56 27.37 49.18
N THR A 454 -25.26 27.52 50.47
CA THR A 454 -25.49 28.76 51.25
C THR A 454 -24.12 29.31 51.68
N CYS A 455 -23.76 30.45 51.10
CA CYS A 455 -22.43 31.13 51.23
C CYS A 455 -22.50 32.08 52.44
N GLN A 456 -21.96 31.65 53.58
CA GLN A 456 -21.92 32.45 54.83
C GLN A 456 -20.94 33.63 54.63
N SER A 457 -19.88 33.40 53.85
CA SER A 457 -18.94 34.46 53.35
C SER A 457 -18.52 34.12 51.92
N SER A 458 -17.75 35.01 51.29
CA SER A 458 -17.18 34.78 49.94
C SER A 458 -16.01 35.74 49.68
N GLU A 459 -15.21 35.41 48.66
CA GLU A 459 -14.15 36.24 48.06
C GLU A 459 -14.03 35.86 46.57
N LEU A 460 -13.30 36.68 45.79
CA LEU A 460 -12.95 36.36 44.39
C LEU A 460 -11.57 35.72 44.39
N ALA A 461 -11.30 34.89 43.39
CA ALA A 461 -9.96 34.33 43.10
C ALA A 461 -9.89 34.08 41.61
N LYS A 462 -8.71 34.27 41.03
CA LYS A 462 -8.38 33.90 39.64
C LYS A 462 -7.70 32.53 39.73
N ASP A 463 -8.50 31.46 39.67
CA ASP A 463 -8.02 30.07 39.81
C ASP A 463 -8.92 29.15 38.98
N ILE A 464 -8.35 28.09 38.38
CA ILE A 464 -9.13 27.06 37.64
C ILE A 464 -10.02 26.26 38.61
N LEU A 465 -9.84 26.33 39.92
CA LEU A 465 -10.51 25.40 40.87
C LEU A 465 -11.79 25.99 41.44
N VAL A 466 -12.17 27.19 41.02
CA VAL A 466 -13.34 27.91 41.57
C VAL A 466 -14.34 28.17 40.42
N PRO A 467 -15.65 28.27 40.70
CA PRO A 467 -16.19 28.36 42.07
C PRO A 467 -16.07 27.15 43.01
N SER A 468 -15.59 27.39 44.24
CA SER A 468 -15.34 26.37 45.30
C SER A 468 -16.20 26.72 46.53
N PHE A 469 -16.47 25.72 47.35
CA PHE A 469 -17.33 25.78 48.55
C PHE A 469 -16.72 24.90 49.64
N ASP A 470 -16.39 25.52 50.79
CA ASP A 470 -15.92 24.85 52.03
C ASP A 470 -17.16 24.60 52.89
N PRO A 471 -17.63 23.33 52.99
CA PRO A 471 -18.89 23.05 53.66
C PRO A 471 -18.75 23.12 55.19
N LYS A 472 -17.51 23.11 55.72
CA LYS A 472 -17.18 23.23 57.17
C LYS A 472 -17.43 24.67 57.64
N ASN A 473 -16.98 25.70 56.90
CA ASN A 473 -17.19 27.11 57.33
C ASN A 473 -18.14 27.84 56.36
N LYS A 474 -18.81 27.11 55.47
CA LYS A 474 -19.81 27.65 54.49
C LYS A 474 -19.25 28.90 53.80
N HIS A 475 -18.00 28.82 53.34
CA HIS A 475 -17.27 29.90 52.60
C HIS A 475 -17.21 29.57 51.09
N CYS A 476 -17.59 30.54 50.25
CA CYS A 476 -17.62 30.43 48.77
C CYS A 476 -16.49 31.26 48.14
N VAL A 477 -15.62 30.62 47.35
CA VAL A 477 -14.68 31.33 46.42
C VAL A 477 -15.30 31.30 45.02
N PHE A 478 -15.45 32.46 44.41
CA PHE A 478 -16.01 32.66 43.05
C PHE A 478 -14.91 33.11 42.09
N GLN A 479 -15.16 32.90 40.81
CA GLN A 479 -14.12 33.08 39.77
C GLN A 479 -13.97 34.57 39.49
N GLY A 480 -12.73 35.09 39.53
CA GLY A 480 -12.39 36.49 39.20
C GLY A 480 -12.07 36.68 37.73
N ASP A 481 -11.71 35.62 37.00
CA ASP A 481 -11.27 35.68 35.57
C ASP A 481 -12.02 34.57 34.83
N LEU A 482 -12.96 34.96 33.97
CA LEU A 482 -13.97 34.04 33.39
C LEU A 482 -13.28 33.12 32.37
N LEU A 483 -12.09 33.50 31.90
CA LEU A 483 -11.25 32.66 31.00
C LEU A 483 -10.59 31.49 31.76
N LEU A 484 -10.72 31.41 33.10
CA LEU A 484 -10.09 30.36 33.93
C LEU A 484 -11.10 29.33 34.38
N PHE A 485 -12.37 29.48 34.01
CA PHE A 485 -13.42 28.44 34.18
C PHE A 485 -12.92 27.13 33.56
N SER A 486 -12.97 26.03 34.32
CA SER A 486 -12.26 24.77 34.04
C SER A 486 -13.04 23.55 34.54
N CYS A 487 -13.49 22.68 33.63
CA CYS A 487 -14.00 21.35 34.01
C CYS A 487 -12.86 20.56 34.66
N ALA A 488 -11.63 20.70 34.12
CA ALA A 488 -10.44 20.00 34.64
C ALA A 488 -10.03 20.60 35.99
N GLY A 489 -9.53 19.77 36.89
CA GLY A 489 -8.88 20.23 38.13
C GLY A 489 -9.68 19.84 39.35
N ALA A 490 -8.99 19.21 40.32
CA ALA A 490 -9.56 18.84 41.64
C ALA A 490 -9.13 19.88 42.70
N HIS A 491 -10.04 20.27 43.59
CA HIS A 491 -9.70 21.01 44.83
C HIS A 491 -9.16 19.99 45.83
N PRO A 492 -7.96 20.18 46.42
CA PRO A 492 -7.43 19.21 47.36
C PRO A 492 -8.12 19.26 48.74
N ARG A 493 -8.90 20.33 49.02
CA ARG A 493 -9.46 20.68 50.36
C ARG A 493 -10.99 20.84 50.30
N HIS A 494 -11.49 21.68 49.40
CA HIS A 494 -12.91 22.10 49.33
C HIS A 494 -13.65 21.32 48.24
N GLN A 495 -14.97 21.48 48.20
CA GLN A 495 -15.85 20.99 47.10
C GLN A 495 -15.84 21.99 45.96
N ARG A 496 -15.88 21.50 44.71
CA ARG A 496 -16.12 22.36 43.52
C ARG A 496 -17.61 22.33 43.20
N VAL A 497 -18.15 23.48 42.81
CA VAL A 497 -19.52 23.59 42.21
C VAL A 497 -19.35 23.40 40.70
N CYS A 498 -20.00 22.39 40.14
CA CYS A 498 -19.73 21.89 38.77
C CYS A 498 -20.99 21.97 37.92
N PRO A 499 -20.90 22.52 36.68
CA PRO A 499 -22.02 22.50 35.75
C PRO A 499 -21.99 21.21 34.94
N CYS A 500 -23.01 20.37 35.09
CA CYS A 500 -23.19 19.15 34.26
C CYS A 500 -24.38 19.32 33.30
N ARG A 501 -24.41 18.44 32.30
CA ARG A 501 -25.48 18.35 31.29
C ARG A 501 -25.62 16.89 30.90
N ASP A 502 -26.83 16.51 30.54
CA ASP A 502 -27.17 15.22 29.90
C ASP A 502 -26.56 15.23 28.51
N PHE A 503 -26.58 14.06 27.86
CA PHE A 503 -26.19 13.87 26.44
C PHE A 503 -27.14 12.86 25.79
N ILE A 504 -27.33 13.03 24.48
CA ILE A 504 -28.00 12.05 23.59
C ILE A 504 -27.18 10.75 23.64
N LYS A 505 -27.85 9.62 23.78
CA LYS A 505 -27.21 8.28 23.93
C LYS A 505 -26.30 8.05 22.71
N GLY A 506 -25.04 7.66 22.97
CA GLY A 506 -23.98 7.47 21.95
C GLY A 506 -23.55 8.75 21.21
N GLN A 507 -23.83 9.92 21.77
CA GLN A 507 -23.58 11.25 21.13
C GLN A 507 -23.29 12.29 22.24
N VAL A 508 -22.19 12.11 22.99
CA VAL A 508 -21.83 12.90 24.22
C VAL A 508 -21.65 14.39 23.89
N ALA A 509 -21.35 14.75 22.64
CA ALA A 509 -21.24 16.17 22.22
C ALA A 509 -22.54 16.96 22.44
N LEU A 510 -23.70 16.33 22.47
CA LEU A 510 -24.99 17.08 22.32
C LEU A 510 -25.90 16.76 23.51
N CYS A 511 -26.44 17.79 24.19
CA CYS A 511 -27.50 17.63 25.22
C CYS A 511 -28.78 17.14 24.54
N LYS A 512 -29.68 16.48 25.29
CA LYS A 512 -30.94 15.92 24.73
C LYS A 512 -31.74 17.02 24.01
N ASP A 513 -31.71 18.26 24.50
CA ASP A 513 -32.46 19.39 23.87
C ASP A 513 -31.54 20.27 23.02
N CYS A 514 -30.49 19.72 22.39
CA CYS A 514 -29.48 20.53 21.67
C CYS A 514 -29.67 20.39 20.15
N LEU A 515 -30.58 19.55 19.65
CA LEU A 515 -30.68 19.35 18.19
C LEU A 515 -31.37 20.55 17.53
N SER B 1 -6.20 -40.65 -13.83
CA SER B 1 -6.64 -39.52 -12.94
C SER B 1 -6.54 -38.18 -13.71
N LEU B 2 -7.68 -37.60 -14.13
CA LEU B 2 -7.70 -36.44 -15.06
C LEU B 2 -7.67 -35.10 -14.30
N ALA B 3 -7.02 -34.10 -14.89
CA ALA B 3 -6.97 -32.72 -14.36
C ALA B 3 -8.36 -32.10 -14.54
N GLU B 4 -8.88 -31.46 -13.49
CA GLU B 4 -10.10 -30.62 -13.49
C GLU B 4 -9.70 -29.17 -13.23
N ILE B 5 -10.09 -28.23 -14.09
CA ILE B 5 -9.85 -26.78 -13.89
C ILE B 5 -10.41 -26.39 -12.52
N ARG B 6 -9.69 -25.55 -11.78
CA ARG B 6 -10.09 -25.02 -10.45
C ARG B 6 -10.57 -23.58 -10.68
N THR B 7 -11.64 -23.14 -9.98
CA THR B 7 -12.17 -21.76 -10.08
C THR B 7 -12.30 -21.14 -8.69
N ASP B 8 -11.61 -21.73 -7.74
CA ASP B 8 -11.70 -21.38 -6.32
C ASP B 8 -10.25 -21.42 -5.81
N PHE B 9 -9.79 -20.40 -5.10
CA PHE B 9 -8.38 -20.24 -4.66
C PHE B 9 -8.17 -20.76 -3.24
N ASN B 10 -9.21 -21.24 -2.58
CA ASN B 10 -9.19 -21.61 -1.13
C ASN B 10 -8.03 -22.58 -0.87
N ILE B 11 -7.92 -23.65 -1.65
CA ILE B 11 -6.87 -24.68 -1.43
C ILE B 11 -5.49 -24.04 -1.72
N LEU B 12 -5.37 -23.23 -2.78
CA LEU B 12 -4.08 -22.53 -3.08
C LEU B 12 -3.70 -21.71 -1.85
N TYR B 13 -4.64 -20.95 -1.29
CA TYR B 13 -4.38 -20.05 -0.14
C TYR B 13 -3.85 -20.86 1.05
N SER B 14 -4.46 -22.01 1.38
CA SER B 14 -4.00 -22.88 2.50
C SER B 14 -2.57 -23.36 2.23
N MET B 15 -2.30 -23.84 1.02
CA MET B 15 -0.95 -24.30 0.58
C MET B 15 0.07 -23.18 0.84
N MET B 16 -0.22 -21.96 0.40
CA MET B 16 0.77 -20.85 0.43
C MET B 16 0.87 -20.22 1.83
N LYS B 17 0.05 -20.67 2.79
CA LYS B 17 0.08 -20.18 4.21
C LYS B 17 1.23 -20.85 4.99
N LYS B 18 1.86 -21.90 4.45
CA LYS B 18 2.93 -22.68 5.11
C LYS B 18 4.14 -21.79 5.41
N HIS B 19 4.46 -20.84 4.52
CA HIS B 19 5.73 -20.06 4.57
C HIS B 19 5.42 -18.56 4.48
N GLU B 20 5.96 -17.77 5.40
CA GLU B 20 5.86 -16.29 5.36
C GLU B 20 6.49 -15.79 4.06
N GLU B 21 7.46 -16.56 3.52
CA GLU B 21 8.21 -16.17 2.29
C GLU B 21 7.25 -16.01 1.10
N PHE B 22 6.02 -16.56 1.17
CA PHE B 22 5.00 -16.53 0.09
C PHE B 22 4.05 -15.34 0.22
N ARG B 23 4.27 -14.42 1.17
CA ARG B 23 3.20 -13.48 1.60
C ARG B 23 3.00 -12.46 0.47
N TRP B 24 4.07 -11.92 -0.06
CA TRP B 24 3.96 -10.91 -1.13
C TRP B 24 3.20 -11.53 -2.30
N MET B 25 3.53 -12.78 -2.63
CA MET B 25 2.96 -13.53 -3.78
C MET B 25 1.47 -13.77 -3.50
N ARG B 26 1.09 -14.08 -2.24
CA ARG B 26 -0.32 -14.27 -1.79
C ARG B 26 -1.14 -12.99 -2.04
N LEU B 27 -0.63 -11.81 -1.70
CA LEU B 27 -1.33 -10.51 -1.91
C LEU B 27 -1.57 -10.31 -3.41
N ARG B 28 -0.54 -10.55 -4.22
CA ARG B 28 -0.66 -10.37 -5.71
C ARG B 28 -1.78 -11.28 -6.21
N ILE B 29 -1.76 -12.56 -5.85
CA ILE B 29 -2.73 -13.57 -6.37
C ILE B 29 -4.13 -13.08 -5.96
N ARG B 30 -4.32 -12.72 -4.69
CA ARG B 30 -5.63 -12.22 -4.16
C ARG B 30 -6.10 -10.99 -4.95
N ARG B 31 -5.22 -10.02 -5.27
CA ARG B 31 -5.63 -8.84 -6.08
C ARG B 31 -6.07 -9.27 -7.49
N MET B 32 -5.47 -10.32 -8.08
CA MET B 32 -5.74 -10.69 -9.50
C MET B 32 -6.71 -11.89 -9.61
N ALA B 33 -7.21 -12.42 -8.49
CA ALA B 33 -8.06 -13.65 -8.43
C ALA B 33 -9.24 -13.59 -9.42
N ASP B 34 -9.93 -12.46 -9.55
CA ASP B 34 -11.17 -12.41 -10.39
C ASP B 34 -10.80 -12.54 -11.86
N ALA B 35 -9.72 -11.87 -12.28
CA ALA B 35 -9.20 -11.91 -13.67
C ALA B 35 -8.71 -13.34 -13.99
N TRP B 36 -8.04 -13.98 -13.04
CA TRP B 36 -7.55 -15.38 -13.18
C TRP B 36 -8.73 -16.31 -13.45
N ILE B 37 -9.76 -16.22 -12.61
CA ILE B 37 -10.93 -17.14 -12.67
C ILE B 37 -11.67 -16.87 -13.98
N GLN B 38 -11.83 -15.60 -14.34
CA GLN B 38 -12.48 -15.23 -15.63
C GLN B 38 -11.70 -15.87 -16.80
N ALA B 39 -10.37 -15.91 -16.75
CA ALA B 39 -9.53 -16.38 -17.87
C ALA B 39 -9.49 -17.90 -17.91
N ILE B 40 -9.50 -18.64 -16.79
CA ILE B 40 -9.50 -20.13 -16.94
C ILE B 40 -10.86 -20.58 -17.54
N LYS B 41 -11.97 -19.98 -17.14
CA LYS B 41 -13.32 -20.33 -17.73
C LYS B 41 -13.32 -19.99 -19.22
N SER B 42 -12.87 -18.78 -19.57
CA SER B 42 -12.80 -18.29 -20.98
C SER B 42 -11.93 -19.23 -21.84
N LEU B 43 -10.74 -19.64 -21.35
CA LEU B 43 -9.88 -20.61 -22.08
C LEU B 43 -10.63 -21.96 -22.26
N ALA B 44 -11.28 -22.47 -21.22
CA ALA B 44 -12.03 -23.75 -21.22
C ALA B 44 -13.17 -23.71 -22.25
N GLU B 45 -13.73 -22.53 -22.55
CA GLU B 45 -14.83 -22.35 -23.53
C GLU B 45 -14.27 -22.35 -24.95
N LYS B 46 -13.02 -21.92 -25.15
CA LYS B 46 -12.41 -21.80 -26.50
C LYS B 46 -11.67 -23.07 -26.91
N GLN B 47 -11.23 -23.87 -25.93
CA GLN B 47 -10.30 -25.00 -26.20
C GLN B 47 -10.70 -26.17 -25.32
N ASN B 48 -10.81 -27.35 -25.91
CA ASN B 48 -10.95 -28.61 -25.14
C ASN B 48 -9.76 -28.72 -24.17
N LEU B 49 -10.03 -28.57 -22.88
CA LEU B 49 -9.10 -28.76 -21.72
C LEU B 49 -9.43 -30.07 -21.00
N GLU B 50 -10.20 -30.96 -21.63
CA GLU B 50 -10.63 -32.24 -21.03
C GLU B 50 -9.54 -33.25 -21.33
N LYS B 51 -9.47 -34.37 -20.60
CA LYS B 51 -8.62 -35.53 -20.99
C LYS B 51 -7.13 -35.19 -20.80
N ARG B 52 -6.83 -34.12 -20.04
CA ARG B 52 -5.45 -33.87 -19.57
C ARG B 52 -5.24 -34.74 -18.34
N LYS B 53 -4.11 -35.45 -18.25
CA LYS B 53 -3.72 -36.20 -17.02
C LYS B 53 -3.35 -35.18 -15.94
N ARG B 54 -3.78 -35.40 -14.72
CA ARG B 54 -3.28 -34.62 -13.57
C ARG B 54 -1.79 -34.96 -13.38
N LYS B 55 -0.92 -33.95 -13.30
CA LYS B 55 0.51 -34.16 -13.00
C LYS B 55 0.83 -33.77 -11.56
N LYS B 56 1.67 -34.56 -10.91
CA LYS B 56 2.34 -34.20 -9.65
C LYS B 56 3.55 -33.33 -9.99
N VAL B 57 3.56 -32.10 -9.48
CA VAL B 57 4.49 -31.03 -9.91
C VAL B 57 5.26 -30.57 -8.68
N LEU B 58 6.59 -30.73 -8.70
CA LEU B 58 7.48 -30.03 -7.76
C LEU B 58 7.62 -28.58 -8.25
N VAL B 59 7.40 -27.64 -7.34
CA VAL B 59 7.69 -26.20 -7.54
C VAL B 59 8.64 -25.82 -6.41
N HIS B 60 9.93 -25.79 -6.72
CA HIS B 60 11.00 -25.47 -5.76
C HIS B 60 11.54 -24.07 -6.01
N LEU B 61 11.31 -23.16 -5.09
CA LEU B 61 11.75 -21.74 -5.19
C LEU B 61 13.07 -21.61 -4.42
N GLY B 62 14.17 -21.88 -5.11
CA GLY B 62 15.52 -21.75 -4.57
C GLY B 62 15.72 -20.36 -3.97
N LEU B 63 15.26 -19.32 -4.66
CA LEU B 63 15.48 -17.92 -4.26
C LEU B 63 14.89 -17.64 -2.87
N LEU B 64 13.84 -18.34 -2.45
CA LEU B 64 13.17 -18.15 -1.13
C LEU B 64 13.71 -19.11 -0.05
N THR B 65 14.69 -19.97 -0.35
CA THR B 65 15.31 -20.87 0.67
C THR B 65 16.27 -20.03 1.55
N LYS B 66 16.29 -20.28 2.87
CA LYS B 66 17.35 -19.77 3.81
C LYS B 66 18.71 -20.06 3.20
N GLU B 67 18.90 -21.34 2.87
CA GLU B 67 20.14 -22.01 2.40
C GLU B 67 20.78 -21.18 1.26
N SER B 68 19.97 -20.53 0.43
CA SER B 68 20.37 -19.69 -0.73
C SER B 68 21.08 -18.40 -0.28
N GLY B 69 20.68 -17.83 0.88
CA GLY B 69 21.17 -16.50 1.33
C GLY B 69 20.91 -15.40 0.31
N PHE B 70 19.83 -15.51 -0.47
CA PHE B 70 19.38 -14.51 -1.47
C PHE B 70 18.58 -13.42 -0.76
N LYS B 71 17.87 -13.76 0.32
CA LYS B 71 17.18 -12.77 1.22
C LYS B 71 16.26 -11.91 0.37
N ILE B 72 15.47 -12.55 -0.49
CA ILE B 72 14.55 -11.89 -1.45
C ILE B 72 13.20 -11.64 -0.74
N ALA B 73 12.75 -12.55 0.12
CA ALA B 73 11.52 -12.38 0.93
C ALA B 73 11.68 -11.17 1.86
N GLU B 74 12.88 -10.95 2.40
CA GLU B 74 13.25 -9.94 3.43
C GLU B 74 13.30 -8.54 2.84
N THR B 75 13.32 -8.40 1.51
CA THR B 75 13.40 -7.07 0.86
C THR B 75 12.13 -6.81 0.03
N ALA B 76 11.16 -7.73 0.02
CA ALA B 76 9.95 -7.69 -0.85
C ALA B 76 9.20 -6.38 -0.63
N PHE B 77 9.12 -5.93 0.63
CA PHE B 77 8.30 -4.78 1.07
C PHE B 77 9.13 -3.50 1.14
N SER B 78 10.44 -3.53 0.87
CA SER B 78 11.36 -2.37 1.11
C SER B 78 12.18 -2.01 -0.13
N GLY B 79 11.68 -2.29 -1.35
CA GLY B 79 12.36 -1.88 -2.61
C GLY B 79 13.29 -2.97 -3.16
N GLY B 80 13.29 -4.17 -2.58
CA GLY B 80 14.01 -5.34 -3.12
C GLY B 80 13.40 -5.90 -4.42
N PRO B 81 14.08 -6.84 -5.10
CA PRO B 81 13.60 -7.33 -6.41
C PRO B 81 12.28 -8.12 -6.26
N LEU B 82 11.32 -7.88 -7.15
CA LEU B 82 10.01 -8.61 -7.16
C LEU B 82 9.71 -9.32 -8.50
N GLY B 83 10.46 -9.07 -9.59
CA GLY B 83 10.19 -9.70 -10.91
C GLY B 83 10.09 -11.22 -10.80
N GLU B 84 11.02 -11.83 -10.06
CA GLU B 84 11.05 -13.32 -9.97
C GLU B 84 9.78 -13.72 -9.22
N LEU B 85 9.40 -13.00 -8.18
CA LEU B 85 8.22 -13.41 -7.36
C LEU B 85 6.94 -13.17 -8.17
N VAL B 86 6.94 -12.16 -9.06
CA VAL B 86 5.83 -11.94 -10.02
C VAL B 86 5.68 -13.21 -10.84
N GLN B 87 6.76 -13.65 -11.46
CA GLN B 87 6.73 -14.83 -12.37
C GLN B 87 6.35 -16.10 -11.58
N TRP B 88 6.97 -16.38 -10.45
CA TRP B 88 6.64 -17.57 -9.61
C TRP B 88 5.15 -17.55 -9.23
N SER B 89 4.60 -16.38 -8.85
CA SER B 89 3.17 -16.20 -8.48
C SER B 89 2.29 -16.64 -9.65
N ASP B 90 2.62 -16.19 -10.85
CA ASP B 90 1.75 -16.43 -12.02
C ASP B 90 1.89 -17.90 -12.45
N LEU B 91 3.09 -18.47 -12.32
CA LEU B 91 3.31 -19.91 -12.65
C LEU B 91 2.50 -20.77 -11.68
N ILE B 92 2.67 -20.56 -10.38
CA ILE B 92 1.93 -21.36 -9.36
C ILE B 92 0.41 -21.22 -9.63
N THR B 93 -0.07 -20.00 -9.84
CA THR B 93 -1.51 -19.73 -10.05
C THR B 93 -1.97 -20.54 -11.28
N SER B 94 -1.20 -20.48 -12.37
CA SER B 94 -1.56 -21.16 -13.64
C SER B 94 -1.62 -22.68 -13.41
N LEU B 95 -0.60 -23.28 -12.80
CA LEU B 95 -0.60 -24.73 -12.51
C LEU B 95 -1.86 -25.09 -11.72
N TYR B 96 -2.17 -24.29 -10.71
CA TYR B 96 -3.33 -24.49 -9.80
C TYR B 96 -4.64 -24.47 -10.59
N LEU B 97 -4.89 -23.39 -11.36
CA LEU B 97 -6.14 -23.23 -12.16
C LEU B 97 -6.31 -24.40 -13.17
N LEU B 98 -5.22 -24.86 -13.79
CA LEU B 98 -5.26 -25.95 -14.79
C LEU B 98 -5.46 -27.33 -14.11
N GLY B 99 -5.43 -27.42 -12.77
CA GLY B 99 -5.89 -28.61 -12.04
C GLY B 99 -4.79 -29.56 -11.64
N HIS B 100 -3.52 -29.15 -11.68
CA HIS B 100 -2.38 -30.05 -11.37
C HIS B 100 -2.20 -30.16 -9.86
N ASP B 101 -1.56 -31.25 -9.44
CA ASP B 101 -1.22 -31.56 -8.04
C ASP B 101 0.14 -30.90 -7.69
N ILE B 102 0.12 -29.64 -7.30
CA ILE B 102 1.33 -28.82 -6.98
C ILE B 102 1.82 -29.14 -5.57
N ARG B 103 3.12 -29.34 -5.43
CA ARG B 103 3.82 -29.46 -4.13
C ARG B 103 4.84 -28.34 -4.08
N ILE B 104 4.61 -27.33 -3.24
CA ILE B 104 5.47 -26.12 -3.21
C ILE B 104 6.52 -26.37 -2.14
N SER B 105 7.74 -25.91 -2.40
CA SER B 105 8.91 -26.08 -1.54
C SER B 105 9.71 -24.78 -1.54
N ALA B 106 10.04 -24.26 -0.35
CA ALA B 106 11.02 -23.16 -0.13
C ALA B 106 12.08 -23.62 0.88
N SER B 107 12.37 -24.92 0.94
CA SER B 107 13.34 -25.54 1.90
C SER B 107 13.97 -26.81 1.31
N LEU B 108 15.17 -27.17 1.79
CA LEU B 108 15.81 -28.47 1.45
C LEU B 108 14.93 -29.63 1.91
N ALA B 109 14.32 -29.53 3.09
CA ALA B 109 13.52 -30.62 3.70
C ALA B 109 12.34 -30.95 2.77
N GLU B 110 11.63 -29.93 2.26
CA GLU B 110 10.42 -30.18 1.44
C GLU B 110 10.89 -30.73 0.10
N LEU B 111 11.93 -30.12 -0.49
CA LEU B 111 12.50 -30.64 -1.75
C LEU B 111 12.75 -32.16 -1.58
N LYS B 112 13.45 -32.58 -0.52
CA LYS B 112 13.80 -33.99 -0.24
C LYS B 112 12.52 -34.81 -0.03
N GLU B 113 11.62 -34.34 0.84
CA GLU B 113 10.34 -35.01 1.17
C GLU B 113 9.53 -35.24 -0.11
N ILE B 114 9.29 -34.20 -0.88
CA ILE B 114 8.42 -34.28 -2.09
C ILE B 114 9.03 -35.31 -3.06
N MET B 115 10.33 -35.19 -3.33
CA MET B 115 11.03 -36.14 -4.27
C MET B 115 11.01 -37.57 -3.67
N GLY B 116 11.23 -37.71 -2.36
CA GLY B 116 11.19 -38.99 -1.64
C GLY B 116 9.95 -39.82 -2.00
N GLY B 117 8.78 -39.17 -2.09
CA GLY B 117 7.46 -39.80 -2.29
C GLY B 117 7.26 -40.35 -3.69
N GLY B 118 8.14 -40.03 -4.64
CA GLY B 118 8.09 -40.53 -6.04
C GLY B 118 6.90 -39.99 -6.82
N GLY B 119 6.80 -40.37 -8.10
CA GLY B 119 5.70 -40.02 -9.01
C GLY B 119 5.69 -38.54 -9.40
N VAL B 120 6.76 -37.80 -9.11
CA VAL B 120 6.93 -36.42 -9.65
C VAL B 120 7.03 -36.52 -11.18
N GLU B 121 6.25 -35.74 -11.91
CA GLU B 121 6.13 -35.82 -13.39
C GLU B 121 6.70 -34.55 -14.05
N LEU B 122 6.98 -33.55 -13.25
CA LEU B 122 7.32 -32.20 -13.75
C LEU B 122 7.94 -31.40 -12.63
N ILE B 123 9.07 -30.72 -12.90
CA ILE B 123 9.78 -29.92 -11.88
C ILE B 123 10.00 -28.48 -12.39
N TYR B 124 9.48 -27.49 -11.68
CA TYR B 124 9.76 -26.04 -11.88
C TYR B 124 10.73 -25.59 -10.78
N ILE B 125 11.81 -24.94 -11.19
CA ILE B 125 12.93 -24.62 -10.26
C ILE B 125 13.72 -23.49 -10.88
N ASP B 126 14.49 -22.78 -10.06
CA ASP B 126 15.48 -21.77 -10.52
C ASP B 126 16.87 -22.40 -10.50
N ILE B 127 17.86 -21.71 -11.08
CA ILE B 127 19.23 -22.27 -11.17
C ILE B 127 19.83 -22.44 -9.76
N VAL B 128 19.59 -21.48 -8.86
CA VAL B 128 20.06 -21.65 -7.45
C VAL B 128 19.42 -22.91 -6.84
N GLY B 129 18.14 -23.20 -7.10
CA GLY B 129 17.47 -24.40 -6.55
C GLY B 129 17.96 -25.68 -7.23
N LEU B 130 18.35 -25.58 -8.49
CA LEU B 130 18.91 -26.71 -9.29
C LEU B 130 20.22 -27.19 -8.66
N ALA B 131 21.11 -26.27 -8.24
CA ALA B 131 22.30 -26.64 -7.45
C ALA B 131 21.87 -27.37 -6.17
N GLN B 132 20.81 -26.90 -5.51
CA GLN B 132 20.32 -27.55 -4.25
C GLN B 132 19.77 -28.93 -4.59
N PHE B 133 19.02 -29.03 -5.68
CA PHE B 133 18.42 -30.28 -6.20
C PHE B 133 19.50 -31.37 -6.36
N LYS B 134 20.55 -31.06 -7.12
CA LYS B 134 21.72 -31.96 -7.34
C LYS B 134 22.39 -32.34 -6.02
N LYS B 135 22.63 -31.38 -5.13
CA LYS B 135 23.28 -31.65 -3.82
C LYS B 135 22.36 -32.49 -2.92
N THR B 136 21.08 -32.16 -2.78
CA THR B 136 20.14 -32.88 -1.87
C THR B 136 19.92 -34.33 -2.33
N LEU B 137 19.81 -34.60 -3.64
CA LEU B 137 19.39 -35.93 -4.14
C LEU B 137 20.61 -36.84 -4.38
N GLY B 138 21.76 -36.22 -4.70
CA GLY B 138 23.02 -36.88 -5.08
C GLY B 138 22.99 -37.30 -6.55
N PRO B 139 23.74 -38.37 -6.91
CA PRO B 139 23.96 -38.75 -8.31
C PRO B 139 22.65 -38.99 -9.09
N SER B 140 21.61 -39.50 -8.43
CA SER B 140 20.33 -39.85 -9.08
C SER B 140 19.53 -38.58 -9.44
N TRP B 141 20.03 -37.39 -9.12
CA TRP B 141 19.37 -36.17 -9.62
C TRP B 141 19.20 -36.27 -11.15
N VAL B 142 20.16 -36.85 -11.88
CA VAL B 142 20.15 -36.86 -13.38
C VAL B 142 18.93 -37.67 -13.86
N HIS B 143 18.45 -38.62 -13.08
CA HIS B 143 17.26 -39.44 -13.42
C HIS B 143 16.04 -38.53 -13.64
N TYR B 144 16.00 -37.32 -13.03
CA TYR B 144 14.83 -36.39 -13.05
C TYR B 144 15.04 -35.25 -14.06
N GLN B 145 16.17 -35.26 -14.75
CA GLN B 145 16.69 -34.10 -15.51
C GLN B 145 15.71 -33.65 -16.61
N CYS B 146 15.12 -34.59 -17.33
CA CYS B 146 14.25 -34.30 -18.49
C CYS B 146 12.92 -33.69 -18.00
N MET B 147 12.60 -33.78 -16.70
CA MET B 147 11.39 -33.15 -16.13
C MET B 147 11.62 -31.70 -15.67
N LEU B 148 12.87 -31.21 -15.63
CA LEU B 148 13.19 -29.86 -15.09
C LEU B 148 12.67 -28.80 -16.07
N ARG B 149 12.07 -27.76 -15.55
CA ARG B 149 11.81 -26.49 -16.30
C ARG B 149 12.40 -25.37 -15.44
N VAL B 150 13.40 -24.71 -15.96
CA VAL B 150 14.34 -23.91 -15.14
C VAL B 150 14.06 -22.42 -15.35
N LEU B 151 13.51 -21.73 -14.34
CA LEU B 151 13.12 -20.31 -14.47
C LEU B 151 14.43 -19.51 -14.39
N ASP B 152 14.81 -18.90 -15.52
CA ASP B 152 16.11 -18.25 -15.76
C ASP B 152 15.78 -16.97 -16.53
N SER B 153 15.66 -15.87 -15.81
CA SER B 153 14.97 -14.67 -16.34
C SER B 153 15.69 -14.21 -17.61
N PHE B 154 17.04 -14.08 -17.59
CA PHE B 154 17.81 -13.46 -18.69
C PHE B 154 18.20 -14.45 -19.81
N GLY B 155 17.98 -15.76 -19.57
CA GLY B 155 18.17 -16.85 -20.53
C GLY B 155 19.57 -17.44 -20.54
N THR B 156 19.71 -18.65 -21.07
CA THR B 156 20.97 -19.42 -21.19
C THR B 156 21.20 -19.81 -22.65
N GLU B 157 22.29 -19.32 -23.25
CA GLU B 157 22.68 -19.69 -24.63
C GLU B 157 23.42 -21.02 -24.62
N PRO B 158 23.25 -21.84 -25.67
CA PRO B 158 23.82 -23.19 -25.65
C PRO B 158 25.32 -23.24 -25.34
N GLU B 159 26.11 -22.26 -25.76
CA GLU B 159 27.59 -22.29 -25.50
C GLU B 159 27.89 -22.20 -24.00
N PHE B 160 26.97 -21.72 -23.18
CA PHE B 160 27.20 -21.59 -21.73
C PHE B 160 26.67 -22.81 -21.00
N ASN B 161 25.75 -23.55 -21.65
CA ASN B 161 25.01 -24.67 -21.06
C ASN B 161 25.84 -25.95 -21.16
N HIS B 162 26.52 -26.14 -22.30
CA HIS B 162 27.47 -27.26 -22.59
C HIS B 162 28.75 -27.06 -21.77
N ALA B 163 28.88 -27.77 -20.65
CA ALA B 163 29.98 -27.65 -19.67
C ALA B 163 31.34 -27.69 -20.38
N ASN B 164 31.62 -28.69 -21.23
CA ASN B 164 32.98 -28.85 -21.83
C ASN B 164 33.23 -27.71 -22.83
N TYR B 165 32.25 -27.37 -23.66
CA TYR B 165 32.39 -26.31 -24.66
C TYR B 165 32.59 -24.96 -23.98
N ALA B 166 31.85 -24.71 -22.89
CA ALA B 166 31.94 -23.50 -22.04
C ALA B 166 33.37 -23.38 -21.52
N GLN B 167 33.93 -24.47 -20.99
CA GLN B 167 35.31 -24.49 -20.43
C GLN B 167 36.28 -24.12 -21.56
N SER B 168 36.09 -24.72 -22.74
CA SER B 168 36.97 -24.59 -23.91
C SER B 168 36.94 -23.14 -24.42
N LYS B 169 35.97 -22.32 -24.05
CA LYS B 169 35.88 -20.91 -24.50
C LYS B 169 36.32 -19.98 -23.36
N GLY B 170 36.61 -20.54 -22.18
CA GLY B 170 36.91 -19.76 -20.96
C GLY B 170 35.67 -19.09 -20.38
N HIS B 171 34.48 -19.62 -20.58
CA HIS B 171 33.24 -19.04 -19.96
C HIS B 171 33.23 -19.42 -18.48
N LYS B 172 33.30 -18.45 -17.56
CA LYS B 172 33.46 -18.75 -16.11
C LYS B 172 32.10 -18.67 -15.42
N THR B 173 31.00 -18.46 -16.17
CA THR B 173 29.63 -18.29 -15.60
C THR B 173 29.42 -19.25 -14.42
N PRO B 174 29.02 -18.79 -13.22
CA PRO B 174 28.55 -19.70 -12.18
C PRO B 174 27.11 -20.22 -12.41
N TRP B 175 26.44 -19.81 -13.49
CA TRP B 175 24.98 -20.10 -13.73
C TRP B 175 24.82 -21.23 -14.77
N GLY B 176 25.86 -21.50 -15.56
CA GLY B 176 25.77 -22.33 -16.77
C GLY B 176 26.27 -23.74 -16.49
N LYS B 177 26.71 -24.44 -17.54
CA LYS B 177 27.37 -25.77 -17.47
C LYS B 177 26.40 -26.83 -16.92
N TRP B 178 25.08 -26.66 -17.06
CA TRP B 178 24.12 -27.70 -16.56
C TRP B 178 23.86 -28.82 -17.58
N ASN B 179 24.20 -28.64 -18.88
CA ASN B 179 24.05 -29.70 -19.94
C ASN B 179 22.57 -30.10 -20.07
N LEU B 180 21.64 -29.20 -19.89
CA LEU B 180 20.20 -29.48 -20.13
C LEU B 180 19.95 -29.31 -21.63
N ASN B 181 18.77 -29.73 -22.08
CA ASN B 181 18.23 -29.28 -23.38
C ASN B 181 17.91 -27.81 -23.19
N PRO B 182 18.51 -26.85 -23.92
CA PRO B 182 18.30 -25.43 -23.55
C PRO B 182 16.85 -24.91 -23.63
N GLN B 183 15.90 -25.68 -24.19
CA GLN B 183 14.44 -25.35 -24.22
C GLN B 183 13.86 -25.61 -22.82
N GLN B 184 14.63 -26.25 -21.96
CA GLN B 184 14.27 -26.42 -20.53
C GLN B 184 14.44 -25.11 -19.72
N PHE B 185 15.15 -24.09 -20.23
CA PHE B 185 15.24 -22.75 -19.58
C PHE B 185 14.00 -21.94 -19.98
N TYR B 186 13.35 -21.38 -18.97
CA TYR B 186 12.09 -20.60 -19.05
C TYR B 186 12.43 -19.15 -18.74
N THR B 187 12.29 -18.27 -19.73
CA THR B 187 12.73 -16.85 -19.62
C THR B 187 11.58 -15.91 -19.27
N MET B 188 11.97 -14.69 -18.88
CA MET B 188 11.04 -13.61 -18.48
C MET B 188 10.40 -12.99 -19.73
N PHE B 189 11.17 -12.79 -20.77
CA PHE B 189 10.71 -12.23 -22.07
C PHE B 189 11.16 -13.18 -23.16
N PRO B 190 10.53 -13.13 -24.35
CA PRO B 190 10.90 -14.01 -25.47
C PRO B 190 12.09 -13.42 -26.22
N HIS B 191 13.26 -13.38 -25.58
CA HIS B 191 14.52 -12.76 -26.08
C HIS B 191 15.53 -13.83 -26.51
N THR B 192 15.30 -15.09 -26.14
CA THR B 192 16.27 -16.20 -26.33
C THR B 192 15.55 -17.44 -26.87
N PRO B 193 15.42 -17.57 -28.21
CA PRO B 193 14.73 -18.71 -28.83
C PRO B 193 15.35 -20.09 -28.55
N ASP B 194 16.62 -20.15 -28.19
CA ASP B 194 17.26 -21.37 -27.62
C ASP B 194 16.45 -21.85 -26.41
N ASN B 195 15.79 -20.94 -25.71
CA ASN B 195 15.02 -21.29 -24.47
C ASN B 195 13.52 -21.22 -24.76
N SER B 196 12.69 -21.52 -23.75
CA SER B 196 11.22 -21.29 -23.79
C SER B 196 10.91 -19.94 -23.12
N PHE B 197 9.97 -19.19 -23.67
CA PHE B 197 9.38 -17.99 -23.02
C PHE B 197 8.28 -18.41 -22.05
N LEU B 198 8.50 -18.23 -20.73
CA LEU B 198 7.46 -18.42 -19.69
C LEU B 198 6.69 -17.12 -19.51
N GLY B 199 7.38 -16.03 -19.21
CA GLY B 199 6.78 -14.72 -18.88
C GLY B 199 5.98 -14.73 -17.59
N PHE B 200 4.89 -13.96 -17.59
CA PHE B 200 4.08 -13.65 -16.39
C PHE B 200 2.83 -12.91 -16.86
N VAL B 201 1.98 -12.48 -15.93
CA VAL B 201 0.79 -11.68 -16.28
C VAL B 201 1.02 -10.25 -15.82
N VAL B 202 0.70 -9.30 -16.69
CA VAL B 202 0.70 -7.85 -16.36
C VAL B 202 -0.57 -7.54 -15.55
N GLU B 203 -0.41 -7.26 -14.25
CA GLU B 203 -1.46 -6.67 -13.39
C GLU B 203 -1.97 -5.34 -13.95
N GLN B 204 -3.31 -5.17 -13.95
CA GLN B 204 -4.06 -3.93 -14.32
C GLN B 204 -5.45 -4.03 -13.68
N HIS B 205 -6.08 -2.90 -13.32
CA HIS B 205 -7.40 -2.86 -12.61
C HIS B 205 -8.32 -1.76 -13.16
N LEU B 206 -8.27 -1.49 -14.47
CA LEU B 206 -9.12 -0.45 -15.13
C LEU B 206 -10.52 -1.01 -15.41
N ASN B 215 -8.13 8.94 -19.96
CA ASN B 215 -7.71 10.19 -20.65
C ASN B 215 -8.23 11.42 -19.91
N GLU B 216 -9.48 11.40 -19.44
CA GLU B 216 -10.02 12.34 -18.42
C GLU B 216 -9.55 11.89 -17.03
N ILE B 217 -9.36 10.58 -16.82
CA ILE B 217 -8.89 9.99 -15.54
C ILE B 217 -7.42 10.40 -15.30
N LYS B 218 -6.66 10.68 -16.36
CA LYS B 218 -5.20 10.94 -16.25
C LYS B 218 -4.91 12.42 -16.01
N ARG B 219 -3.98 12.73 -15.11
CA ARG B 219 -3.36 14.07 -15.00
C ARG B 219 -2.30 14.15 -16.10
N GLN B 220 -2.59 14.93 -17.14
CA GLN B 220 -1.80 15.02 -18.40
C GLN B 220 -0.36 15.40 -18.06
N ASN B 221 -0.19 16.00 -16.87
CA ASN B 221 1.01 16.67 -16.30
C ASN B 221 1.89 15.64 -15.58
N GLN B 222 1.35 14.46 -15.27
CA GLN B 222 1.88 13.59 -14.18
C GLN B 222 2.77 12.48 -14.74
N SER B 223 4.07 12.55 -14.44
CA SER B 223 5.06 11.49 -14.74
C SER B 223 5.46 10.76 -13.45
N LEU B 224 5.80 9.48 -13.58
CA LEU B 224 6.20 8.62 -12.44
C LEU B 224 7.51 7.93 -12.83
N VAL B 225 8.52 8.03 -11.99
CA VAL B 225 9.87 7.49 -12.31
C VAL B 225 9.92 6.01 -11.92
N TYR B 226 10.49 5.21 -12.81
CA TYR B 226 10.77 3.76 -12.64
C TYR B 226 12.10 3.65 -11.89
N GLY B 227 12.09 3.06 -10.70
CA GLY B 227 13.31 2.77 -9.93
C GLY B 227 13.04 2.88 -8.45
N LYS B 228 12.82 1.74 -7.81
CA LYS B 228 12.45 1.59 -6.38
C LYS B 228 13.64 1.92 -5.46
N VAL B 229 14.86 2.03 -5.99
CA VAL B 229 16.09 2.20 -5.16
C VAL B 229 16.83 3.47 -5.57
N ASP B 230 17.31 4.23 -4.58
CA ASP B 230 17.96 5.57 -4.71
C ASP B 230 19.16 5.50 -5.67
N SER B 231 20.04 4.50 -5.52
CA SER B 231 21.26 4.30 -6.35
C SER B 231 20.93 4.34 -7.84
N PHE B 232 19.76 3.83 -8.26
CA PHE B 232 19.35 3.75 -9.69
C PHE B 232 19.24 5.17 -10.26
N TRP B 233 18.96 6.17 -9.42
CA TRP B 233 18.79 7.60 -9.83
C TRP B 233 20.15 8.31 -9.97
N LYS B 234 21.26 7.69 -9.58
CA LYS B 234 22.61 8.33 -9.70
C LYS B 234 22.77 8.96 -11.10
N ASN B 235 23.02 10.28 -11.11
CA ASN B 235 23.47 11.03 -12.31
C ASN B 235 22.34 11.14 -13.33
N LYS B 236 21.09 11.29 -12.90
CA LYS B 236 19.92 11.42 -13.84
C LYS B 236 19.32 12.82 -13.76
N LYS B 237 19.97 13.74 -13.05
CA LYS B 237 19.39 15.07 -12.70
C LYS B 237 19.02 15.81 -13.99
N ILE B 238 19.92 15.80 -14.98
CA ILE B 238 19.76 16.49 -16.31
C ILE B 238 18.50 15.95 -17.03
N TYR B 239 18.38 14.62 -17.13
CA TYR B 239 17.24 13.91 -17.75
C TYR B 239 15.94 14.29 -17.03
N LEU B 240 15.92 14.12 -15.72
CA LEU B 240 14.73 14.41 -14.87
C LEU B 240 14.35 15.90 -15.03
N ASP B 241 15.34 16.80 -15.09
CA ASP B 241 15.13 18.26 -15.30
C ASP B 241 14.35 18.46 -16.60
N ILE B 242 14.75 17.78 -17.69
CA ILE B 242 14.06 17.88 -19.02
C ILE B 242 12.59 17.53 -18.85
N ILE B 243 12.34 16.39 -18.24
CA ILE B 243 10.95 15.89 -18.00
C ILE B 243 10.21 16.87 -17.10
N HIS B 244 10.91 17.43 -16.10
CA HIS B 244 10.27 18.32 -15.07
C HIS B 244 9.84 19.63 -15.74
N THR B 245 10.44 20.00 -16.87
CA THR B 245 10.10 21.25 -17.59
C THR B 245 8.63 21.21 -18.00
N TYR B 246 8.09 19.99 -18.19
CA TYR B 246 6.73 19.75 -18.73
C TYR B 246 5.81 19.09 -17.71
N MET B 247 6.36 18.44 -16.67
CA MET B 247 5.57 17.43 -15.93
C MET B 247 5.93 17.42 -14.45
N GLU B 248 4.93 17.16 -13.60
CA GLU B 248 5.16 16.70 -12.20
C GLU B 248 5.94 15.38 -12.32
N VAL B 249 6.88 15.15 -11.41
CA VAL B 249 7.75 13.93 -11.38
C VAL B 249 7.49 13.28 -10.03
N HIS B 250 6.80 12.13 -10.03
CA HIS B 250 6.59 11.31 -8.81
C HIS B 250 7.61 10.18 -8.75
N ALA B 251 7.69 9.49 -7.62
CA ALA B 251 8.64 8.38 -7.38
C ALA B 251 8.05 7.41 -6.38
N THR B 252 8.50 6.16 -6.43
CA THR B 252 8.19 5.12 -5.41
C THR B 252 9.53 4.53 -4.93
N VAL B 253 10.31 5.33 -4.18
CA VAL B 253 11.67 5.02 -3.70
C VAL B 253 11.62 4.86 -2.18
N TYR B 254 12.19 3.76 -1.68
CA TYR B 254 12.50 3.51 -0.26
C TYR B 254 13.68 4.43 0.15
N THR B 258 17.00 9.99 1.04
CA THR B 258 17.36 9.76 -0.39
C THR B 258 18.12 10.98 -0.93
N LYS B 259 19.44 10.85 -1.12
CA LYS B 259 20.35 11.99 -1.45
C LYS B 259 20.55 12.11 -2.96
N ASN B 260 19.65 11.53 -3.76
CA ASN B 260 19.84 11.34 -5.22
C ASN B 260 18.56 11.74 -5.97
N ILE B 261 17.42 11.80 -5.26
CA ILE B 261 16.10 12.23 -5.76
C ILE B 261 16.05 13.76 -5.69
N PRO B 262 16.01 14.51 -6.82
CA PRO B 262 15.88 15.97 -6.78
C PRO B 262 14.75 16.48 -5.89
N SER B 263 14.78 17.76 -5.49
CA SER B 263 13.87 18.37 -4.48
C SER B 263 12.40 18.40 -4.94
N TYR B 264 12.16 18.61 -6.25
CA TYR B 264 10.81 18.72 -6.88
C TYR B 264 10.10 17.37 -7.03
N VAL B 265 10.79 16.24 -6.80
CA VAL B 265 10.19 14.89 -7.01
C VAL B 265 9.25 14.61 -5.85
N LYS B 266 8.03 14.14 -6.13
CA LYS B 266 7.06 13.74 -5.09
C LYS B 266 7.23 12.24 -4.83
N ASN B 267 8.03 11.91 -3.83
CA ASN B 267 8.28 10.49 -3.43
C ASN B 267 7.12 9.96 -2.59
N HIS B 268 6.41 8.95 -3.06
CA HIS B 268 5.31 8.26 -2.31
C HIS B 268 5.87 7.14 -1.44
N GLY B 269 7.15 6.82 -1.52
CA GLY B 269 7.70 5.61 -0.89
C GLY B 269 7.28 4.33 -1.61
N ILE B 270 7.66 3.18 -1.08
CA ILE B 270 7.28 1.85 -1.63
C ILE B 270 5.76 1.70 -1.47
N LEU B 271 5.01 1.46 -2.54
CA LEU B 271 3.52 1.31 -2.44
C LEU B 271 3.11 -0.17 -2.52
N SER B 272 2.07 -0.54 -1.78
CA SER B 272 1.34 -1.81 -1.98
C SER B 272 0.85 -1.82 -3.43
N GLY B 273 0.62 -2.99 -4.01
CA GLY B 273 0.27 -3.11 -5.44
C GLY B 273 -0.97 -2.33 -5.77
N ARG B 274 -1.94 -2.30 -4.85
CA ARG B 274 -3.24 -1.62 -5.02
C ARG B 274 -2.98 -0.14 -5.26
N ASP B 275 -2.13 0.45 -4.42
CA ASP B 275 -1.79 1.90 -4.45
C ASP B 275 -0.88 2.19 -5.64
N LEU B 276 0.08 1.30 -5.94
CA LEU B 276 0.90 1.52 -7.15
C LEU B 276 -0.02 1.51 -8.38
N GLN B 277 -0.96 0.58 -8.45
CA GLN B 277 -1.88 0.42 -9.62
C GLN B 277 -2.76 1.67 -9.74
N PHE B 278 -3.13 2.29 -8.61
CA PHE B 278 -3.97 3.52 -8.59
C PHE B 278 -3.14 4.70 -9.09
N LEU B 279 -1.87 4.76 -8.73
CA LEU B 279 -0.95 5.81 -9.24
C LEU B 279 -0.75 5.67 -10.75
N LEU B 280 -0.55 4.44 -11.26
CA LEU B 280 -0.37 4.18 -12.71
C LEU B 280 -1.62 4.64 -13.47
N ARG B 281 -2.81 4.33 -12.95
CA ARG B 281 -4.13 4.73 -13.55
C ARG B 281 -4.11 6.22 -13.92
N GLU B 282 -3.60 7.11 -13.06
CA GLU B 282 -3.71 8.58 -13.29
C GLU B 282 -2.41 9.16 -13.81
N THR B 283 -1.40 8.34 -14.05
CA THR B 283 -0.07 8.80 -14.52
C THR B 283 -0.07 8.80 -16.04
N LYS B 284 0.47 9.87 -16.62
CA LYS B 284 0.62 10.02 -18.08
C LYS B 284 1.88 9.28 -18.56
N LEU B 285 3.02 9.46 -17.91
CA LEU B 285 4.33 8.97 -18.41
C LEU B 285 5.06 8.19 -17.30
N PHE B 286 5.50 6.97 -17.59
CA PHE B 286 6.40 6.15 -16.73
C PHE B 286 7.82 6.32 -17.27
N VAL B 287 8.76 6.72 -16.41
CA VAL B 287 10.09 7.19 -16.89
C VAL B 287 11.16 6.19 -16.47
N GLY B 288 11.81 5.58 -17.46
CA GLY B 288 12.96 4.68 -17.24
C GLY B 288 14.21 5.48 -17.01
N LEU B 289 15.08 4.98 -16.11
CA LEU B 289 16.37 5.58 -15.76
C LEU B 289 17.51 4.84 -16.43
N GLY B 290 17.25 3.67 -17.04
CA GLY B 290 18.29 2.79 -17.63
C GLY B 290 18.45 1.49 -16.87
N PHE B 291 17.99 1.44 -15.62
CA PHE B 291 18.09 0.29 -14.70
C PHE B 291 16.85 0.29 -13.80
N PRO B 292 16.18 -0.86 -13.51
CA PRO B 292 16.65 -2.20 -13.88
C PRO B 292 16.28 -2.70 -15.29
N TYR B 293 16.89 -3.81 -15.71
CA TYR B 293 16.74 -4.36 -17.07
C TYR B 293 15.58 -5.37 -17.11
N GLU B 294 14.73 -5.25 -18.12
CA GLU B 294 13.74 -6.28 -18.52
C GLU B 294 12.91 -6.67 -17.31
N GLY B 295 12.25 -5.67 -16.70
CA GLY B 295 11.37 -5.88 -15.52
C GLY B 295 9.90 -5.89 -15.93
N PRO B 296 8.98 -6.35 -15.07
CA PRO B 296 7.55 -6.25 -15.36
C PRO B 296 6.96 -4.82 -15.30
N ALA B 297 7.53 -3.92 -14.48
CA ALA B 297 6.89 -2.64 -14.08
C ALA B 297 6.50 -1.83 -15.31
N PRO B 298 7.34 -1.75 -16.36
CA PRO B 298 6.97 -0.97 -17.55
C PRO B 298 5.72 -1.48 -18.27
N LEU B 299 5.47 -2.78 -18.25
CA LEU B 299 4.30 -3.39 -18.93
C LEU B 299 3.06 -3.07 -18.07
N GLU B 300 3.23 -2.95 -16.76
CA GLU B 300 2.12 -2.52 -15.87
C GLU B 300 1.71 -1.10 -16.25
N ALA B 301 2.68 -0.20 -16.44
CA ALA B 301 2.43 1.22 -16.77
C ALA B 301 1.62 1.27 -18.06
N ILE B 302 2.04 0.50 -19.07
CA ILE B 302 1.44 0.47 -20.44
C ILE B 302 0.04 -0.15 -20.38
N ALA B 303 -0.15 -1.20 -19.59
CA ALA B 303 -1.49 -1.78 -19.37
C ALA B 303 -2.44 -0.76 -18.72
N ASN B 304 -1.89 0.22 -17.98
CA ASN B 304 -2.66 1.30 -17.33
C ASN B 304 -2.73 2.54 -18.25
N GLY B 305 -2.35 2.43 -19.51
CA GLY B 305 -2.45 3.56 -20.45
C GLY B 305 -1.36 4.59 -20.26
N CYS B 306 -0.31 4.32 -19.47
CA CYS B 306 0.89 5.20 -19.43
C CYS B 306 1.77 4.95 -20.66
N ALA B 307 2.31 6.01 -21.21
CA ALA B 307 3.48 5.94 -22.11
C ALA B 307 4.67 5.50 -21.26
N PHE B 308 5.67 4.89 -21.88
CA PHE B 308 6.93 4.48 -21.21
C PHE B 308 8.07 5.11 -22.00
N LEU B 309 8.91 5.86 -21.31
CA LEU B 309 10.13 6.47 -21.89
C LEU B 309 11.26 5.49 -21.58
N ASN B 310 11.75 4.85 -22.65
CA ASN B 310 12.62 3.64 -22.65
C ASN B 310 14.05 4.01 -23.03
N PRO B 311 14.97 4.11 -22.06
CA PRO B 311 16.35 4.50 -22.37
C PRO B 311 17.02 3.57 -23.39
N LYS B 312 17.48 4.15 -24.50
CA LYS B 312 18.13 3.41 -25.61
C LYS B 312 19.60 3.25 -25.27
N PHE B 313 20.18 2.08 -25.57
CA PHE B 313 21.61 1.72 -25.32
C PHE B 313 22.37 1.60 -26.64
N ASN B 314 23.24 2.57 -26.89
CA ASN B 314 24.10 2.73 -28.09
C ASN B 314 25.50 3.03 -27.55
N PRO B 315 26.40 2.03 -27.41
CA PRO B 315 26.19 0.66 -27.90
C PRO B 315 25.27 -0.17 -27.01
N PRO B 316 24.77 -1.33 -27.48
CA PRO B 316 23.92 -2.19 -26.65
C PRO B 316 24.68 -2.77 -25.46
N LYS B 317 23.96 -3.06 -24.38
CA LYS B 317 24.60 -3.54 -23.13
C LYS B 317 24.64 -5.07 -23.14
N SER B 318 25.72 -5.62 -22.62
CA SER B 318 26.00 -7.07 -22.61
C SER B 318 27.16 -7.32 -21.65
N SER B 319 27.56 -8.60 -21.49
CA SER B 319 28.80 -9.02 -20.77
C SER B 319 30.02 -8.26 -21.28
N LYS B 320 30.07 -7.94 -22.57
CA LYS B 320 31.23 -7.24 -23.19
C LYS B 320 31.50 -5.90 -22.48
N ASN B 321 30.49 -5.21 -21.94
CA ASN B 321 30.67 -3.80 -21.53
C ASN B 321 29.86 -3.42 -20.30
N THR B 322 29.13 -4.33 -19.64
CA THR B 322 28.21 -3.98 -18.52
C THR B 322 28.39 -4.97 -17.38
N ASP B 323 28.86 -4.47 -16.23
CA ASP B 323 29.23 -5.27 -15.04
C ASP B 323 28.12 -6.28 -14.72
N PHE B 324 26.85 -5.80 -14.66
CA PHE B 324 25.65 -6.59 -14.28
C PHE B 324 25.62 -7.92 -15.03
N PHE B 325 26.06 -7.95 -16.29
CA PHE B 325 25.90 -9.09 -17.24
C PHE B 325 27.13 -10.02 -17.23
N ILE B 326 28.24 -9.63 -16.61
CA ILE B 326 29.46 -10.48 -16.58
C ILE B 326 29.07 -11.71 -15.74
N GLY B 327 29.33 -12.90 -16.23
CA GLY B 327 29.00 -14.14 -15.49
C GLY B 327 27.62 -14.68 -15.83
N LYS B 328 26.80 -13.91 -16.55
CA LYS B 328 25.46 -14.40 -16.98
C LYS B 328 25.67 -15.33 -18.17
N PRO B 329 24.90 -16.46 -18.24
CA PRO B 329 25.18 -17.51 -19.22
C PRO B 329 24.61 -17.17 -20.60
N THR B 330 24.94 -15.98 -21.09
CA THR B 330 24.49 -15.47 -22.41
C THR B 330 25.46 -14.37 -22.88
N LEU B 331 25.52 -14.12 -24.18
CA LEU B 331 26.18 -12.95 -24.83
C LEU B 331 25.11 -12.05 -25.44
N ARG B 332 23.84 -12.29 -25.13
CA ARG B 332 22.73 -11.49 -25.70
C ARG B 332 22.97 -10.00 -25.37
N GLU B 333 22.72 -9.13 -26.33
CA GLU B 333 22.87 -7.67 -26.26
C GLU B 333 21.50 -7.02 -26.09
N LEU B 334 21.37 -6.11 -25.13
CA LEU B 334 20.12 -5.34 -24.84
C LEU B 334 20.21 -4.00 -25.56
N THR B 335 19.25 -3.68 -26.42
CA THR B 335 19.24 -2.43 -27.23
C THR B 335 18.63 -1.25 -26.46
N SER B 336 18.08 -1.52 -25.28
CA SER B 336 17.31 -0.55 -24.46
C SER B 336 17.04 -1.19 -23.09
N GLN B 337 16.56 -0.39 -22.12
CA GLN B 337 16.26 -0.89 -20.76
C GLN B 337 15.26 -2.04 -20.86
N HIS B 338 14.33 -1.96 -21.82
CA HIS B 338 13.24 -2.93 -22.02
C HIS B 338 13.12 -3.24 -23.51
N PRO B 339 13.99 -4.13 -24.04
CA PRO B 339 13.97 -4.48 -25.46
C PRO B 339 12.62 -5.07 -25.92
N TYR B 340 11.89 -5.76 -25.03
CA TYR B 340 10.56 -6.33 -25.40
C TYR B 340 9.60 -5.17 -25.69
N ALA B 341 9.53 -4.19 -24.78
CA ALA B 341 8.69 -2.98 -24.93
C ALA B 341 9.07 -2.24 -26.22
N GLU B 342 10.36 -2.03 -26.41
CA GLU B 342 10.95 -1.36 -27.60
C GLU B 342 10.43 -2.00 -28.89
N VAL B 343 10.57 -3.33 -29.02
CA VAL B 343 10.45 -4.02 -30.34
C VAL B 343 9.03 -4.57 -30.52
N PHE B 344 8.41 -5.09 -29.47
CA PHE B 344 7.09 -5.77 -29.55
C PHE B 344 5.94 -4.79 -29.26
N ILE B 345 6.20 -3.61 -28.71
CA ILE B 345 5.12 -2.61 -28.44
C ILE B 345 5.41 -1.34 -29.26
N GLY B 346 6.54 -0.68 -29.02
CA GLY B 346 6.92 0.53 -29.77
C GLY B 346 5.88 1.63 -29.62
N ARG B 347 5.97 2.65 -30.47
CA ARG B 347 5.09 3.83 -30.44
C ARG B 347 3.65 3.39 -30.69
N PRO B 348 2.64 4.10 -30.14
CA PRO B 348 2.85 5.32 -29.35
C PRO B 348 3.11 5.08 -27.83
N HIS B 349 2.96 3.83 -27.38
CA HIS B 349 3.08 3.42 -25.96
C HIS B 349 4.51 3.56 -25.44
N VAL B 350 5.52 3.26 -26.27
CA VAL B 350 6.93 3.18 -25.84
C VAL B 350 7.76 4.10 -26.74
N TRP B 351 8.47 5.03 -26.11
CA TRP B 351 9.42 5.95 -26.80
C TRP B 351 10.81 5.55 -26.35
N THR B 352 11.60 5.06 -27.30
CA THR B 352 12.97 4.56 -27.07
C THR B 352 13.89 5.69 -27.45
N VAL B 353 14.51 6.33 -26.46
CA VAL B 353 15.35 7.55 -26.70
C VAL B 353 16.69 7.37 -25.97
N ASP B 354 17.74 7.93 -26.55
CA ASP B 354 19.05 8.15 -25.88
C ASP B 354 18.80 9.24 -24.85
N LEU B 355 18.89 8.85 -23.59
CA LEU B 355 18.87 9.70 -22.38
C LEU B 355 19.89 10.84 -22.52
N ASN B 356 20.94 10.67 -23.33
CA ASN B 356 21.98 11.73 -23.57
C ASN B 356 21.40 12.85 -24.45
N ASN B 357 20.82 12.48 -25.60
CA ASN B 357 20.31 13.42 -26.63
C ASN B 357 19.09 14.14 -26.07
N GLN B 358 19.30 15.36 -25.58
CA GLN B 358 18.29 16.25 -24.92
C GLN B 358 17.10 16.53 -25.84
N GLU B 359 17.36 16.77 -27.13
CA GLU B 359 16.32 17.03 -28.18
C GLU B 359 15.38 15.82 -28.26
N GLU B 360 15.96 14.64 -28.44
CA GLU B 360 15.26 13.34 -28.53
C GLU B 360 14.29 13.22 -27.33
N VAL B 361 14.82 13.44 -26.12
CA VAL B 361 14.05 13.33 -24.84
C VAL B 361 12.89 14.32 -24.84
N GLU B 362 13.18 15.59 -25.18
CA GLU B 362 12.20 16.70 -25.19
C GLU B 362 11.08 16.38 -26.17
N ASP B 363 11.42 16.09 -27.43
CA ASP B 363 10.45 15.76 -28.52
C ASP B 363 9.56 14.60 -28.06
N ALA B 364 10.14 13.61 -27.38
CA ALA B 364 9.37 12.44 -26.94
C ALA B 364 8.36 12.91 -25.88
N VAL B 365 8.80 13.64 -24.88
CA VAL B 365 7.87 14.14 -23.83
C VAL B 365 6.78 14.98 -24.51
N LYS B 366 7.16 15.94 -25.36
CA LYS B 366 6.17 16.87 -25.95
C LYS B 366 5.15 16.06 -26.75
N ALA B 367 5.62 15.05 -27.50
CA ALA B 367 4.75 14.16 -28.29
C ALA B 367 3.82 13.38 -27.36
N ILE B 368 4.40 12.78 -26.31
CA ILE B 368 3.66 11.95 -25.32
C ILE B 368 2.53 12.82 -24.74
N LEU B 369 2.81 14.09 -24.41
CA LEU B 369 1.79 15.02 -23.85
C LEU B 369 0.64 15.18 -24.84
N ASN B 370 0.91 15.12 -26.14
CA ASN B 370 -0.09 15.42 -27.19
C ASN B 370 -0.71 14.12 -27.72
N GLN B 371 -0.25 12.97 -27.25
CA GLN B 371 -0.82 11.66 -27.66
C GLN B 371 -2.09 11.39 -26.84
N LYS B 372 -2.99 10.59 -27.40
CA LYS B 372 -4.09 9.92 -26.67
C LYS B 372 -3.89 8.41 -26.87
N ILE B 373 -3.57 7.65 -25.81
CA ILE B 373 -3.23 6.20 -26.00
C ILE B 373 -4.21 5.38 -25.15
N GLU B 374 -4.47 4.16 -25.58
CA GLU B 374 -5.35 3.21 -24.86
C GLU B 374 -4.44 2.32 -24.01
N PRO B 375 -4.94 1.89 -22.85
CA PRO B 375 -4.37 0.73 -22.18
C PRO B 375 -4.08 -0.38 -23.20
N TYR B 376 -2.88 -0.95 -23.18
CA TYR B 376 -2.49 -2.09 -24.05
C TYR B 376 -1.72 -3.16 -23.27
N MET B 377 -2.08 -4.42 -23.46
CA MET B 377 -1.34 -5.63 -22.97
C MET B 377 -1.19 -6.58 -24.15
N PRO B 378 0.02 -7.04 -24.48
CA PRO B 378 0.15 -8.09 -25.47
C PRO B 378 -0.60 -9.32 -24.94
N TYR B 379 -1.25 -10.09 -25.81
CA TYR B 379 -2.02 -11.31 -25.44
C TYR B 379 -1.16 -12.24 -24.55
N GLU B 380 0.10 -12.49 -24.90
CA GLU B 380 0.91 -13.46 -24.13
C GLU B 380 1.12 -12.98 -22.69
N PHE B 381 0.89 -11.69 -22.37
CA PHE B 381 1.01 -11.18 -20.97
C PHE B 381 -0.34 -11.02 -20.27
N THR B 382 -1.42 -11.59 -20.81
CA THR B 382 -2.74 -11.65 -20.15
C THR B 382 -2.86 -12.99 -19.41
N CYS B 383 -3.81 -13.04 -18.48
CA CYS B 383 -4.13 -14.26 -17.73
C CYS B 383 -4.39 -15.39 -18.74
N GLU B 384 -5.25 -15.16 -19.74
CA GLU B 384 -5.68 -16.22 -20.66
C GLU B 384 -4.51 -16.64 -21.58
N GLY B 385 -3.81 -15.67 -22.16
CA GLY B 385 -2.55 -15.91 -22.90
C GLY B 385 -1.56 -16.75 -22.09
N MET B 386 -1.36 -16.44 -20.80
CA MET B 386 -0.33 -17.16 -20.04
C MET B 386 -0.84 -18.58 -19.78
N LEU B 387 -2.14 -18.73 -19.52
CA LEU B 387 -2.73 -20.05 -19.20
C LEU B 387 -2.61 -20.93 -20.43
N GLN B 388 -2.90 -20.39 -21.60
CA GLN B 388 -2.80 -21.11 -22.89
C GLN B 388 -1.32 -21.54 -23.11
N ARG B 389 -0.37 -20.62 -22.92
CA ARG B 389 1.08 -20.90 -23.17
C ARG B 389 1.55 -22.06 -22.27
N ILE B 390 1.27 -21.97 -20.97
CA ILE B 390 1.80 -22.93 -19.97
C ILE B 390 1.06 -24.27 -20.13
N ASN B 391 -0.23 -24.24 -20.47
CA ASN B 391 -1.01 -25.47 -20.71
C ASN B 391 -0.39 -26.19 -21.92
N ALA B 392 -0.05 -25.47 -22.98
CA ALA B 392 0.57 -26.09 -24.16
C ALA B 392 1.94 -26.67 -23.76
N PHE B 393 2.75 -25.95 -23.00
CA PHE B 393 4.09 -26.47 -22.56
C PHE B 393 3.91 -27.79 -21.78
N ILE B 394 2.93 -27.83 -20.89
CA ILE B 394 2.73 -28.99 -19.97
C ILE B 394 2.20 -30.18 -20.78
N GLU B 395 1.32 -29.95 -21.75
CA GLU B 395 0.66 -31.06 -22.47
C GLU B 395 1.60 -31.54 -23.58
N LYS B 396 2.37 -30.65 -24.20
CA LYS B 396 3.07 -30.96 -25.47
C LYS B 396 4.60 -31.02 -25.30
N GLN B 397 5.21 -30.32 -24.34
CA GLN B 397 6.69 -30.21 -24.29
C GLN B 397 7.21 -31.44 -23.53
N ASP B 398 7.92 -32.33 -24.20
CA ASP B 398 8.44 -33.58 -23.56
C ASP B 398 9.92 -33.69 -23.93
N PHE B 399 10.80 -33.75 -22.93
CA PHE B 399 12.27 -33.97 -23.12
C PHE B 399 12.62 -35.37 -22.60
N CYS B 400 11.62 -36.16 -22.22
CA CYS B 400 11.80 -37.54 -21.68
C CYS B 400 11.48 -38.60 -22.75
N HIS B 401 11.30 -38.21 -24.03
CA HIS B 401 10.97 -39.09 -25.19
C HIS B 401 9.66 -39.84 -25.03
N MET B 405 6.44 -35.49 -30.94
CA MET B 405 7.40 -34.48 -31.47
C MET B 405 6.71 -33.12 -31.58
N TRP B 406 7.21 -32.13 -30.84
CA TRP B 406 6.54 -30.82 -30.66
C TRP B 406 7.60 -29.72 -30.53
N PRO B 407 7.51 -28.61 -31.29
CA PRO B 407 6.49 -28.42 -32.29
C PRO B 407 6.55 -29.46 -33.40
N PRO B 408 5.42 -29.70 -34.14
CA PRO B 408 5.39 -30.69 -35.22
C PRO B 408 6.28 -30.28 -36.41
N LEU B 409 6.87 -31.27 -37.08
CA LEU B 409 7.77 -31.07 -38.25
C LEU B 409 7.15 -30.08 -39.25
N SER B 410 5.83 -30.15 -39.48
CA SER B 410 5.05 -29.30 -40.43
C SER B 410 5.32 -27.81 -40.23
N ALA B 411 5.70 -27.35 -39.03
CA ALA B 411 5.93 -25.92 -38.72
C ALA B 411 7.30 -25.45 -39.26
N LEU B 412 8.18 -26.38 -39.63
CA LEU B 412 9.59 -26.04 -40.00
C LEU B 412 9.57 -25.17 -41.27
N GLN B 413 10.09 -23.95 -41.18
CA GLN B 413 10.51 -23.14 -42.35
C GLN B 413 12.03 -22.92 -42.30
N VAL B 414 12.75 -23.45 -43.29
CA VAL B 414 14.23 -23.34 -43.38
C VAL B 414 14.58 -21.99 -44.00
N LYS B 415 15.48 -21.23 -43.35
CA LYS B 415 16.05 -19.96 -43.86
C LYS B 415 17.58 -20.04 -43.69
N LEU B 416 18.30 -19.48 -44.66
CA LEU B 416 19.78 -19.45 -44.65
C LEU B 416 20.17 -18.10 -44.09
N ALA B 417 20.87 -18.08 -42.95
CA ALA B 417 21.43 -16.84 -42.38
C ALA B 417 22.65 -16.45 -43.21
N GLU B 418 22.74 -15.18 -43.59
CA GLU B 418 23.93 -14.59 -44.25
C GLU B 418 25.08 -14.53 -43.24
N PRO B 419 26.35 -14.56 -43.71
CA PRO B 419 27.50 -14.27 -42.85
C PRO B 419 27.27 -13.04 -41.95
N GLY B 420 27.59 -13.17 -40.66
CA GLY B 420 27.37 -12.12 -39.65
C GLY B 420 25.92 -12.05 -39.15
N GLN B 421 25.06 -12.97 -39.59
CA GLN B 421 23.65 -13.02 -39.17
C GLN B 421 23.44 -14.32 -38.40
N SER B 422 22.82 -14.24 -37.21
CA SER B 422 22.47 -15.41 -36.37
C SER B 422 21.20 -16.05 -36.93
N CYS B 423 20.93 -17.30 -36.54
CA CYS B 423 19.63 -17.97 -36.81
C CYS B 423 18.51 -17.18 -36.13
N LYS B 424 18.72 -16.65 -34.90
CA LYS B 424 17.71 -15.81 -34.20
C LYS B 424 17.26 -14.72 -35.19
N GLN B 425 18.21 -14.04 -35.81
CA GLN B 425 17.97 -12.79 -36.58
C GLN B 425 17.23 -13.09 -37.89
N VAL B 426 17.63 -14.14 -38.60
CA VAL B 426 17.09 -14.45 -39.96
C VAL B 426 15.65 -14.93 -39.80
N CYS B 427 15.35 -15.76 -38.80
CA CYS B 427 13.95 -16.19 -38.53
C CYS B 427 13.13 -14.94 -38.23
N GLN B 428 13.65 -14.05 -37.37
CA GLN B 428 12.95 -12.83 -36.89
C GLN B 428 12.68 -11.90 -38.08
N GLU B 429 13.62 -11.79 -39.01
CA GLU B 429 13.53 -10.82 -40.14
C GLU B 429 12.47 -11.29 -41.16
N SER B 430 11.98 -12.53 -41.05
CA SER B 430 10.86 -13.10 -41.84
C SER B 430 9.61 -13.24 -40.96
N GLN B 431 9.55 -12.54 -39.82
CA GLN B 431 8.38 -12.60 -38.90
C GLN B 431 8.19 -14.07 -38.44
N LEU B 432 9.28 -14.83 -38.32
CA LEU B 432 9.26 -16.19 -37.73
C LEU B 432 10.08 -16.13 -36.43
N ILE B 433 10.27 -17.27 -35.79
CA ILE B 433 11.12 -17.38 -34.57
C ILE B 433 11.94 -18.65 -34.75
N CYS B 434 13.20 -18.62 -34.32
CA CYS B 434 14.10 -19.78 -34.43
C CYS B 434 13.50 -20.89 -33.55
N GLU B 435 13.54 -22.14 -34.03
CA GLU B 435 12.96 -23.32 -33.35
C GLU B 435 14.03 -24.39 -33.25
N PRO B 436 14.76 -24.39 -32.12
CA PRO B 436 15.93 -25.25 -31.94
C PRO B 436 15.64 -26.75 -32.07
N SER B 437 14.42 -27.21 -31.79
CA SER B 437 14.03 -28.65 -31.82
C SER B 437 14.06 -29.20 -33.25
N PHE B 438 14.17 -28.33 -34.27
CA PHE B 438 14.24 -28.70 -35.71
C PHE B 438 15.68 -28.78 -36.25
N PHE B 439 16.70 -28.40 -35.48
CA PHE B 439 18.11 -28.50 -35.93
C PHE B 439 18.37 -29.94 -36.36
N GLN B 440 17.83 -30.92 -35.62
CA GLN B 440 18.03 -32.37 -35.83
C GLN B 440 17.65 -32.77 -37.27
N HIS B 441 16.68 -32.06 -37.88
CA HIS B 441 16.15 -32.31 -39.24
C HIS B 441 17.01 -31.62 -40.30
N LEU B 442 18.07 -30.88 -39.93
CA LEU B 442 18.87 -30.04 -40.87
C LEU B 442 20.35 -30.42 -40.81
N ASN B 443 20.69 -31.66 -40.50
CA ASN B 443 22.06 -31.99 -40.04
C ASN B 443 22.70 -33.13 -40.85
N LYS B 444 22.20 -33.46 -42.06
CA LYS B 444 22.58 -34.61 -42.93
C LYS B 444 22.60 -34.15 -44.40
N ASP B 445 23.53 -34.66 -45.23
CA ASP B 445 23.57 -34.43 -46.70
C ASP B 445 22.18 -34.64 -47.28
N LYS B 446 21.60 -35.81 -46.95
CA LYS B 446 20.30 -36.32 -47.42
C LYS B 446 19.20 -35.31 -47.11
N ASP B 447 19.16 -34.81 -45.87
CA ASP B 447 18.07 -33.95 -45.33
C ASP B 447 18.11 -32.59 -46.02
N MET B 448 19.29 -32.06 -46.34
CA MET B 448 19.43 -30.73 -47.00
C MET B 448 18.78 -30.72 -48.39
N LEU B 449 18.76 -31.87 -49.08
CA LEU B 449 18.14 -32.01 -50.43
C LEU B 449 16.67 -31.59 -50.31
N LYS B 450 15.95 -32.05 -49.27
CA LYS B 450 14.55 -31.62 -48.97
C LYS B 450 14.38 -30.09 -49.04
N TYR B 451 15.39 -29.30 -48.64
CA TYR B 451 15.32 -27.80 -48.58
C TYR B 451 16.14 -27.20 -49.74
N LYS B 452 16.41 -27.99 -50.78
CA LYS B 452 17.00 -27.51 -52.06
C LYS B 452 18.34 -26.83 -51.79
N VAL B 453 19.04 -27.29 -50.75
CA VAL B 453 20.48 -26.98 -50.51
C VAL B 453 21.25 -28.26 -50.82
N THR B 454 22.29 -28.13 -51.65
CA THR B 454 23.04 -29.26 -52.25
C THR B 454 24.48 -29.19 -51.71
N CYS B 455 24.84 -30.20 -50.90
CA CYS B 455 26.17 -30.37 -50.27
C CYS B 455 27.07 -31.16 -51.22
N GLN B 456 27.95 -30.46 -51.96
CA GLN B 456 28.90 -31.10 -52.91
C GLN B 456 29.95 -31.88 -52.11
N SER B 457 30.31 -31.39 -50.92
CA SER B 457 31.13 -32.10 -49.91
C SER B 457 30.62 -31.77 -48.51
N SER B 458 31.18 -32.40 -47.48
CA SER B 458 30.81 -32.15 -46.07
C SER B 458 31.88 -32.68 -45.10
N GLU B 459 31.81 -32.21 -43.86
CA GLU B 459 32.59 -32.67 -42.68
C GLU B 459 31.76 -32.38 -41.42
N LEU B 460 32.18 -32.93 -40.29
CA LEU B 460 31.56 -32.68 -38.96
C LEU B 460 32.37 -31.58 -38.28
N ALA B 461 31.73 -30.86 -37.37
CA ALA B 461 32.38 -29.88 -36.47
C ALA B 461 31.52 -29.79 -35.21
N LYS B 462 32.17 -29.67 -34.06
CA LYS B 462 31.52 -29.44 -32.75
C LYS B 462 31.57 -27.94 -32.50
N ASP B 463 30.57 -27.21 -32.99
CA ASP B 463 30.55 -25.72 -32.98
C ASP B 463 29.09 -25.26 -32.90
N ILE B 464 28.81 -24.16 -32.18
CA ILE B 464 27.46 -23.51 -32.13
C ILE B 464 27.07 -22.95 -33.51
N LEU B 465 28.00 -22.79 -34.46
CA LEU B 465 27.70 -22.04 -35.71
C LEU B 465 27.26 -22.97 -36.85
N VAL B 466 27.16 -24.27 -36.58
CA VAL B 466 26.84 -25.30 -37.63
C VAL B 466 25.55 -26.01 -37.23
N PRO B 467 24.75 -26.52 -38.19
CA PRO B 467 25.16 -26.65 -39.60
C PRO B 467 25.37 -25.37 -40.44
N SER B 468 26.52 -25.30 -41.13
CA SER B 468 26.96 -24.17 -42.00
C SER B 468 27.07 -24.63 -43.45
N PHE B 469 26.93 -23.68 -44.37
CA PHE B 469 26.92 -23.89 -45.84
C PHE B 469 27.73 -22.77 -46.50
N ASP B 470 28.79 -23.16 -47.22
CA ASP B 470 29.63 -22.26 -48.06
C ASP B 470 29.07 -22.32 -49.47
N PRO B 471 28.38 -21.27 -49.94
CA PRO B 471 27.67 -21.31 -51.23
C PRO B 471 28.65 -21.20 -52.43
N LYS B 472 29.90 -20.79 -52.19
CA LYS B 472 30.99 -20.76 -53.22
C LYS B 472 31.47 -22.18 -53.54
N ASN B 473 31.74 -22.98 -52.50
CA ASN B 473 32.27 -24.37 -52.56
C ASN B 473 31.14 -25.40 -52.62
N LYS B 474 29.90 -24.99 -52.31
CA LYS B 474 28.75 -25.89 -51.99
C LYS B 474 29.23 -26.95 -50.99
N HIS B 475 29.96 -26.51 -49.95
CA HIS B 475 30.49 -27.33 -48.84
C HIS B 475 29.62 -27.17 -47.58
N CYS B 476 29.20 -28.30 -46.98
CA CYS B 476 28.35 -28.34 -45.77
C CYS B 476 29.17 -28.82 -44.56
N VAL B 477 29.22 -28.01 -43.49
CA VAL B 477 29.65 -28.47 -42.14
C VAL B 477 28.38 -28.78 -41.34
N PHE B 478 28.30 -29.99 -40.79
CA PHE B 478 27.19 -30.49 -39.94
C PHE B 478 27.66 -30.58 -38.49
N GLN B 479 26.70 -30.59 -37.58
CA GLN B 479 26.98 -30.56 -36.13
C GLN B 479 27.46 -31.95 -35.67
N GLY B 480 28.60 -32.02 -34.97
CA GLY B 480 29.16 -33.25 -34.41
C GLY B 480 28.70 -33.52 -32.99
N ASP B 481 28.17 -32.51 -32.27
CA ASP B 481 27.68 -32.63 -30.88
C ASP B 481 26.34 -31.90 -30.82
N LEU B 482 25.27 -32.67 -30.62
CA LEU B 482 23.87 -32.20 -30.81
C LEU B 482 23.51 -31.22 -29.68
N LEU B 483 24.26 -31.24 -28.58
CA LEU B 483 24.08 -30.29 -27.45
C LEU B 483 24.60 -28.89 -27.80
N LEU B 484 25.23 -28.69 -28.98
CA LEU B 484 25.80 -27.39 -29.39
C LEU B 484 24.93 -26.70 -30.43
N PHE B 485 23.79 -27.30 -30.79
CA PHE B 485 22.76 -26.66 -31.65
C PHE B 485 22.32 -25.36 -31.01
N SER B 486 22.34 -24.26 -31.77
CA SER B 486 22.27 -22.88 -31.22
C SER B 486 21.56 -21.94 -32.19
N CYS B 487 20.41 -21.38 -31.80
CA CYS B 487 19.80 -20.24 -32.52
C CYS B 487 20.75 -19.04 -32.44
N ALA B 488 21.42 -18.85 -31.30
CA ALA B 488 22.37 -17.73 -31.06
C ALA B 488 23.65 -17.99 -31.87
N GLY B 489 24.28 -16.92 -32.37
CA GLY B 489 25.63 -16.94 -32.98
C GLY B 489 25.59 -16.74 -34.49
N ALA B 490 26.45 -15.84 -35.01
CA ALA B 490 26.63 -15.55 -36.45
C ALA B 490 27.92 -16.23 -36.98
N HIS B 491 27.87 -16.80 -38.20
CA HIS B 491 29.09 -17.27 -38.91
C HIS B 491 29.77 -16.04 -39.52
N PRO B 492 31.08 -15.82 -39.27
CA PRO B 492 31.76 -14.65 -39.83
C PRO B 492 32.05 -14.81 -41.34
N ARG B 493 31.95 -16.02 -41.90
CA ARG B 493 32.39 -16.39 -43.29
C ARG B 493 31.20 -16.99 -44.08
N HIS B 494 30.57 -18.04 -43.57
CA HIS B 494 29.60 -18.90 -44.30
C HIS B 494 28.17 -18.55 -43.90
N GLN B 495 27.21 -19.14 -44.60
CA GLN B 495 25.76 -19.09 -44.27
C GLN B 495 25.44 -20.15 -43.22
N ARG B 496 24.54 -19.85 -42.27
CA ARG B 496 23.97 -20.86 -41.35
C ARG B 496 22.66 -21.39 -41.93
N VAL B 497 22.42 -22.69 -41.80
CA VAL B 497 21.10 -23.32 -42.12
C VAL B 497 20.26 -23.27 -40.85
N CYS B 498 19.15 -22.54 -40.87
CA CYS B 498 18.42 -22.13 -39.64
C CYS B 498 17.01 -22.70 -39.64
N PRO B 499 16.58 -23.33 -38.53
CA PRO B 499 15.19 -23.77 -38.39
C PRO B 499 14.34 -22.62 -37.87
N CYS B 500 13.38 -22.15 -38.68
CA CYS B 500 12.35 -21.17 -38.23
C CYS B 500 10.98 -21.84 -38.14
N ARG B 501 10.08 -21.20 -37.42
CA ARG B 501 8.68 -21.62 -37.23
C ARG B 501 7.85 -20.34 -37.16
N ASP B 502 6.62 -20.42 -37.64
CA ASP B 502 5.58 -19.39 -37.46
C ASP B 502 5.23 -19.34 -35.96
N PHE B 503 4.47 -18.32 -35.56
CA PHE B 503 3.87 -18.20 -34.21
C PHE B 503 2.47 -17.63 -34.33
N ILE B 504 1.63 -17.98 -33.36
CA ILE B 504 0.29 -17.35 -33.13
C ILE B 504 0.54 -15.88 -32.82
N LYS B 505 -0.26 -14.99 -33.42
CA LYS B 505 -0.28 -13.51 -33.19
C LYS B 505 -0.29 -13.25 -31.69
N GLY B 506 0.66 -12.44 -31.19
CA GLY B 506 0.74 -12.05 -29.77
C GLY B 506 1.06 -13.22 -28.82
N GLN B 507 1.54 -14.35 -29.35
CA GLN B 507 1.82 -15.59 -28.56
C GLN B 507 3.03 -16.32 -29.19
N VAL B 508 4.23 -15.71 -29.13
CA VAL B 508 5.44 -16.17 -29.89
C VAL B 508 5.88 -17.55 -29.39
N ALA B 509 5.54 -17.94 -28.16
CA ALA B 509 5.87 -19.28 -27.61
C ALA B 509 5.30 -20.42 -28.47
N LEU B 510 4.20 -20.21 -29.21
CA LEU B 510 3.44 -21.33 -29.79
C LEU B 510 3.33 -21.17 -31.30
N CYS B 511 3.69 -22.23 -32.07
CA CYS B 511 3.46 -22.30 -33.54
C CYS B 511 1.94 -22.36 -33.78
N LYS B 512 1.49 -21.94 -34.97
CA LYS B 512 0.03 -21.92 -35.29
C LYS B 512 -0.58 -23.30 -35.08
N ASP B 513 0.15 -24.39 -35.40
CA ASP B 513 -0.35 -25.79 -35.23
C ASP B 513 0.13 -26.43 -33.92
N CYS B 514 0.34 -25.67 -32.83
CA CYS B 514 0.96 -26.22 -31.60
C CYS B 514 -0.07 -26.42 -30.48
N LEU B 515 -1.34 -26.06 -30.68
CA LEU B 515 -2.31 -26.12 -29.55
C LEU B 515 -2.71 -27.58 -29.25
#